data_8TEN
#
_entry.id   8TEN
#
_cell.length_a   1.00
_cell.length_b   1.00
_cell.length_c   1.00
_cell.angle_alpha   90.00
_cell.angle_beta   90.00
_cell.angle_gamma   90.00
#
_symmetry.space_group_name_H-M   'P 1'
#
_entity_poly.entity_id   1
_entity_poly.type   'polypeptide(L)'
_entity_poly.pdbx_seq_one_letter_code
;MEETFVPFEGIKNDLKGRLMCYKQDWTGGFKAGFRILAPTTYIFFASAIPVISFGEQLERSTDGVLTAVQTLASTAICGM
IHSIIGGQPLLILGVAEPTVIMYTFMFNFAKARPELGRDLFLAWSGWVCVWTALMLFVLAICGACSIINRFTRVAGELFG
LLIAMLFMQQAIKGLVDEFRIPERENQKLKEFLPSWRFANGMFALVLSFGLLLTGLRSRKARSWRYGTGWLRSLIADYGV
PLMVLVWTGVSYIPAGDVPKGIPRRLFSPNPWSPGAYGNWTVVKEMLDVPIVYIIGAFIPASMIAVLYYFDHSVASQLAQ
QKEFNLRKPSSYHYDLLLLGFLTLMCGLLGVPPSNGVIPQSPMHTKSLATLKYQLLRNRLVATARRSIKTNASLGQLYDN
MQEAYHHMQ(TPO)PLVYQQPQGLKELKESTIQATTFTGNLNAPVDETLFDIEKEIDDLLPVEVKEQRVSNLLQSTMVGG
CVAAMPILKMIPTSVLWGYFAFMAIESLPGNQFWERILLLFTAPSRRFKVLEDYHATFVETVPFKTIAMFTLFQTTYLLI
CFGLTWIPIAGVMFPLMIMFLIPVRQYLLPRFFKGAHLQDLDAAEYEEAPALPFNLAAETEIGSTTSYPGDLEILDEVMT
ESRGRFEHTSSPKVTSSSSTPVNNRSLSQVFSPRVSGIRLGQMSPRVVGNSPKPASCGRSPLNQSSSNHHHHHHHHHH
;
_entity_poly.pdbx_strand_id   A,B
#
# COMPACT_ATOMS: atom_id res chain seq x y z
N PHE A 5 -25.20 43.47 17.48
CA PHE A 5 -24.63 43.04 18.79
C PHE A 5 -25.57 43.38 19.94
N VAL A 6 -26.86 43.14 19.73
CA VAL A 6 -27.87 43.43 20.74
C VAL A 6 -27.93 42.26 21.73
N PRO A 7 -28.17 42.50 23.02
CA PRO A 7 -28.26 41.38 23.97
C PRO A 7 -29.40 40.43 23.59
N PHE A 8 -29.08 39.14 23.59
CA PHE A 8 -30.02 38.03 23.43
C PHE A 8 -30.62 37.92 22.04
N GLU A 9 -30.32 38.83 21.12
CA GLU A 9 -30.95 38.78 19.80
C GLU A 9 -30.50 37.55 19.03
N GLY A 10 -29.19 37.29 19.00
CA GLY A 10 -28.69 36.15 18.27
C GLY A 10 -29.20 34.82 18.83
N ILE A 11 -29.24 34.70 20.16
CA ILE A 11 -29.73 33.47 20.76
C ILE A 11 -31.20 33.25 20.40
N LYS A 12 -32.00 34.31 20.48
CA LYS A 12 -33.42 34.19 20.16
C LYS A 12 -33.61 33.79 18.69
N ASN A 13 -32.85 34.40 17.79
CA ASN A 13 -32.97 34.05 16.37
C ASN A 13 -32.57 32.59 16.14
N ASP A 14 -31.47 32.14 16.75
CA ASP A 14 -31.04 30.76 16.57
C ASP A 14 -32.08 29.79 17.12
N LEU A 15 -32.62 30.07 18.30
CA LEU A 15 -33.60 29.17 18.90
C LEU A 15 -34.86 29.11 18.04
N LYS A 16 -35.33 30.26 17.55
CA LYS A 16 -36.49 30.27 16.67
C LYS A 16 -36.21 29.43 15.43
N GLY A 17 -35.04 29.61 14.82
CA GLY A 17 -34.72 28.87 13.61
C GLY A 17 -34.69 27.37 13.84
N ARG A 18 -34.10 26.93 14.95
CA ARG A 18 -33.93 25.51 15.17
C ARG A 18 -35.19 24.84 15.71
N LEU A 19 -36.06 25.58 16.42
CA LEU A 19 -37.20 24.94 17.06
C LEU A 19 -38.24 24.42 16.07
N MET A 20 -38.15 24.80 14.80
CA MET A 20 -39.12 24.37 13.80
C MET A 20 -38.63 23.18 12.98
N CYS A 21 -37.52 22.55 13.38
CA CYS A 21 -37.06 21.31 12.75
C CYS A 21 -36.62 20.29 13.78
N TYR A 22 -36.98 20.47 15.05
CA TYR A 22 -36.58 19.53 16.10
C TYR A 22 -37.22 18.17 15.87
N LYS A 23 -38.55 18.14 15.83
CA LYS A 23 -39.24 16.89 15.54
C LYS A 23 -38.80 16.33 14.20
N GLN A 24 -38.55 17.22 13.23
CA GLN A 24 -38.02 16.77 11.95
C GLN A 24 -36.64 16.15 12.11
N ASP A 25 -35.79 16.74 12.97
CA ASP A 25 -34.48 16.14 13.21
C ASP A 25 -34.62 14.71 13.72
N TRP A 26 -35.43 14.52 14.76
CA TRP A 26 -35.55 13.18 15.33
C TRP A 26 -36.21 12.21 14.35
N THR A 27 -37.24 12.66 13.62
CA THR A 27 -37.92 11.77 12.69
C THR A 27 -37.03 11.41 11.51
N GLY A 28 -36.20 12.34 11.05
CA GLY A 28 -35.24 11.99 10.01
C GLY A 28 -34.20 11.01 10.51
N GLY A 29 -33.72 11.20 11.73
CA GLY A 29 -32.78 10.23 12.29
C GLY A 29 -33.38 8.85 12.37
N PHE A 30 -34.63 8.76 12.82
CA PHE A 30 -35.30 7.46 12.92
C PHE A 30 -35.75 6.91 11.58
N LYS A 31 -35.83 7.75 10.55
CA LYS A 31 -36.28 7.28 9.24
C LYS A 31 -35.36 6.20 8.71
N ALA A 32 -34.06 6.47 8.67
CA ALA A 32 -33.10 5.41 8.35
C ALA A 32 -33.04 4.42 9.50
N GLY A 33 -32.94 3.15 9.16
CA GLY A 33 -32.91 2.12 10.18
C GLY A 33 -31.51 1.93 10.72
N PHE A 34 -31.00 0.70 10.68
CA PHE A 34 -29.65 0.44 11.11
C PHE A 34 -28.61 0.98 10.13
N ARG A 35 -29.05 1.49 8.97
CA ARG A 35 -28.10 2.07 8.02
C ARG A 35 -27.41 3.29 8.59
N ILE A 36 -27.95 3.89 9.66
CA ILE A 36 -27.29 5.01 10.32
C ILE A 36 -26.06 4.59 11.12
N LEU A 37 -25.82 3.27 11.26
CA LEU A 37 -24.73 2.81 12.10
C LEU A 37 -23.36 3.11 11.50
N ALA A 38 -23.24 3.12 10.16
CA ALA A 38 -21.94 3.34 9.56
C ALA A 38 -21.36 4.70 9.89
N PRO A 39 -22.06 5.83 9.66
CA PRO A 39 -21.53 7.11 10.14
C PRO A 39 -21.33 7.12 11.65
N THR A 40 -22.26 6.49 12.38
CA THR A 40 -22.16 6.47 13.83
C THR A 40 -20.90 5.76 14.28
N THR A 41 -20.61 4.59 13.72
CA THR A 41 -19.42 3.86 14.13
C THR A 41 -18.14 4.58 13.70
N TYR A 42 -18.12 5.11 12.48
CA TYR A 42 -16.94 5.86 12.04
C TYR A 42 -16.63 7.00 13.01
N ILE A 43 -17.63 7.83 13.31
CA ILE A 43 -17.40 8.96 14.19
C ILE A 43 -17.15 8.51 15.62
N PHE A 44 -17.76 7.40 16.04
CA PHE A 44 -17.52 6.90 17.40
C PHE A 44 -16.06 6.52 17.58
N PHE A 45 -15.48 5.81 16.61
CA PHE A 45 -14.06 5.50 16.70
C PHE A 45 -13.21 6.77 16.65
N ALA A 46 -13.55 7.67 15.71
CA ALA A 46 -12.79 8.91 15.57
C ALA A 46 -12.80 9.75 16.84
N SER A 47 -13.85 9.64 17.65
CA SER A 47 -13.93 10.40 18.87
C SER A 47 -13.38 9.64 20.08
N ALA A 48 -13.50 8.30 20.08
CA ALA A 48 -13.03 7.53 21.23
C ALA A 48 -11.51 7.45 21.26
N ILE A 49 -10.86 7.18 20.13
CA ILE A 49 -9.42 6.96 20.14
C ILE A 49 -8.67 8.20 20.63
N PRO A 50 -8.87 9.40 20.08
CA PRO A 50 -8.16 10.56 20.61
C PRO A 50 -8.46 10.81 22.08
N VAL A 51 -9.68 10.54 22.52
CA VAL A 51 -10.04 10.79 23.91
C VAL A 51 -9.30 9.83 24.84
N ILE A 52 -9.16 8.57 24.43
CA ILE A 52 -8.39 7.61 25.21
C ILE A 52 -6.92 8.02 25.28
N SER A 53 -6.36 8.45 24.15
CA SER A 53 -4.96 8.88 24.15
C SER A 53 -4.76 10.09 25.06
N PHE A 54 -5.67 11.06 24.98
CA PHE A 54 -5.59 12.23 25.84
C PHE A 54 -5.75 11.85 27.31
N GLY A 55 -6.61 10.88 27.59
CA GLY A 55 -6.75 10.43 28.96
C GLY A 55 -5.49 9.81 29.51
N GLU A 56 -4.82 9.00 28.69
CA GLU A 56 -3.54 8.42 29.12
C GLU A 56 -2.50 9.51 29.34
N GLN A 57 -2.46 10.50 28.44
CA GLN A 57 -1.51 11.60 28.61
C GLN A 57 -1.77 12.36 29.91
N LEU A 58 -3.05 12.65 30.19
CA LEU A 58 -3.39 13.35 31.44
C LEU A 58 -3.04 12.51 32.66
N GLU A 59 -3.30 11.20 32.60
CA GLU A 59 -2.96 10.33 33.72
C GLU A 59 -1.46 10.35 34.00
N ARG A 60 -0.66 10.31 32.93
CA ARG A 60 0.79 10.37 33.13
C ARG A 60 1.22 11.72 33.69
N SER A 61 0.66 12.82 33.17
CA SER A 61 1.11 14.15 33.54
C SER A 61 0.35 14.74 34.71
N THR A 62 -0.64 14.04 35.27
CA THR A 62 -1.47 14.58 36.34
C THR A 62 -1.43 13.69 37.59
N ASP A 63 -0.46 12.79 37.69
CA ASP A 63 -0.28 11.95 38.87
C ASP A 63 -1.55 11.17 39.19
N GLY A 64 -2.28 10.78 38.16
CA GLY A 64 -3.41 9.88 38.32
C GLY A 64 -4.70 10.52 38.78
N VAL A 65 -4.74 11.84 38.92
CA VAL A 65 -5.99 12.49 39.31
C VAL A 65 -7.01 12.42 38.17
N LEU A 66 -6.57 12.72 36.96
CA LEU A 66 -7.40 12.66 35.77
C LEU A 66 -6.91 11.54 34.87
N THR A 67 -7.81 10.65 34.50
CA THR A 67 -7.50 9.49 33.67
C THR A 67 -8.42 9.47 32.45
N ALA A 68 -8.37 8.36 31.71
CA ALA A 68 -9.24 8.21 30.55
C ALA A 68 -10.70 8.05 30.93
N VAL A 69 -10.98 7.60 32.15
CA VAL A 69 -12.36 7.53 32.60
C VAL A 69 -12.99 8.92 32.59
N GLN A 70 -12.26 9.92 33.10
CA GLN A 70 -12.80 11.27 33.17
C GLN A 70 -13.05 11.84 31.79
N THR A 71 -12.09 11.69 30.88
CA THR A 71 -12.25 12.23 29.53
C THR A 71 -13.38 11.53 28.79
N LEU A 72 -13.47 10.20 28.93
CA LEU A 72 -14.55 9.47 28.28
C LEU A 72 -15.91 9.89 28.82
N ALA A 73 -16.03 10.03 30.14
CA ALA A 73 -17.30 10.44 30.73
C ALA A 73 -17.67 11.85 30.29
N SER A 74 -16.70 12.77 30.27
CA SER A 74 -16.96 14.13 29.82
C SER A 74 -17.45 14.14 28.38
N THR A 75 -16.74 13.46 27.50
CA THR A 75 -17.14 13.41 26.09
C THR A 75 -18.55 12.83 25.97
N ALA A 76 -18.82 11.72 26.65
CA ALA A 76 -20.12 11.07 26.52
C ALA A 76 -21.25 11.98 27.00
N ILE A 77 -21.12 12.54 28.20
CA ILE A 77 -22.21 13.33 28.77
C ILE A 77 -22.43 14.60 27.96
N CYS A 78 -21.34 15.31 27.63
CA CYS A 78 -21.50 16.53 26.86
C CYS A 78 -22.08 16.24 25.48
N GLY A 79 -21.65 15.14 24.84
CA GLY A 79 -22.20 14.80 23.55
C GLY A 79 -23.67 14.47 23.60
N MET A 80 -24.10 13.70 24.61
CA MET A 80 -25.51 13.38 24.74
C MET A 80 -26.35 14.63 24.96
N ILE A 81 -25.91 15.49 25.88
CA ILE A 81 -26.68 16.70 26.17
C ILE A 81 -26.75 17.59 24.94
N HIS A 82 -25.63 17.74 24.22
CA HIS A 82 -25.64 18.55 23.01
C HIS A 82 -26.54 17.94 21.94
N SER A 83 -26.47 16.63 21.74
CA SER A 83 -27.30 15.99 20.74
C SER A 83 -28.78 16.19 21.05
N ILE A 84 -29.14 16.27 22.33
CA ILE A 84 -30.54 16.44 22.68
C ILE A 84 -30.98 17.90 22.58
N ILE A 85 -30.18 18.83 23.11
CA ILE A 85 -30.57 20.24 23.16
C ILE A 85 -29.49 21.14 22.55
N GLY A 86 -28.76 20.62 21.57
CA GLY A 86 -27.60 21.34 21.04
C GLY A 86 -27.91 22.60 20.26
N GLY A 87 -28.55 22.44 19.10
CA GLY A 87 -28.75 23.55 18.20
C GLY A 87 -28.11 23.30 16.85
N GLN A 88 -26.93 22.68 16.86
CA GLN A 88 -26.27 22.22 15.63
C GLN A 88 -25.81 20.79 15.87
N PRO A 89 -26.66 19.80 15.60
CA PRO A 89 -26.27 18.41 15.88
C PRO A 89 -25.10 17.91 15.05
N LEU A 90 -24.76 18.57 13.94
CA LEU A 90 -23.58 18.16 13.18
C LEU A 90 -22.30 18.38 13.95
N LEU A 91 -22.34 19.16 15.03
CA LEU A 91 -21.15 19.39 15.85
C LEU A 91 -20.88 18.19 16.75
N ILE A 92 -19.61 17.80 16.81
CA ILE A 92 -19.15 16.72 17.68
C ILE A 92 -18.36 17.33 18.83
N LEU A 93 -18.72 16.97 20.05
CA LEU A 93 -18.10 17.50 21.25
C LEU A 93 -17.13 16.48 21.83
N GLY A 94 -15.96 16.94 22.24
CA GLY A 94 -14.98 16.06 22.86
C GLY A 94 -13.87 16.87 23.49
N VAL A 95 -13.07 16.18 24.31
CA VAL A 95 -11.94 16.80 24.97
C VAL A 95 -10.81 16.94 23.95
N ALA A 96 -10.38 18.17 23.70
CA ALA A 96 -9.41 18.48 22.67
C ALA A 96 -8.01 18.65 23.27
N GLU A 97 -7.00 18.58 22.41
CA GLU A 97 -5.63 18.71 22.87
C GLU A 97 -5.36 20.03 23.58
N PRO A 98 -5.84 21.18 23.11
CA PRO A 98 -5.60 22.42 23.86
C PRO A 98 -6.08 22.37 25.30
N THR A 99 -7.24 21.72 25.53
CA THR A 99 -7.71 21.56 26.90
C THR A 99 -6.74 20.70 27.70
N VAL A 100 -6.19 19.66 27.09
CA VAL A 100 -5.21 18.81 27.77
C VAL A 100 -3.99 19.64 28.15
N ILE A 101 -3.50 20.46 27.22
CA ILE A 101 -2.32 21.28 27.50
C ILE A 101 -2.60 22.26 28.62
N MET A 102 -3.76 22.91 28.59
CA MET A 102 -4.09 23.89 29.62
C MET A 102 -4.23 23.22 30.99
N TYR A 103 -4.85 22.03 31.04
CA TYR A 103 -4.97 21.33 32.30
C TYR A 103 -3.62 20.86 32.82
N THR A 104 -2.70 20.48 31.93
CA THR A 104 -1.35 20.13 32.35
C THR A 104 -0.64 21.34 32.93
N PHE A 105 -0.76 22.50 32.29
CA PHE A 105 -0.19 23.72 32.86
C PHE A 105 -0.78 24.02 34.23
N MET A 106 -2.10 23.88 34.37
CA MET A 106 -2.74 24.17 35.65
C MET A 106 -2.26 23.22 36.74
N PHE A 107 -2.13 21.94 36.43
CA PHE A 107 -1.63 21.00 37.43
C PHE A 107 -0.18 21.31 37.81
N ASN A 108 0.66 21.64 36.83
CA ASN A 108 2.04 21.96 37.13
C ASN A 108 2.12 23.21 38.00
N PHE A 109 1.25 24.19 37.75
CA PHE A 109 1.19 25.37 38.61
C PHE A 109 0.75 25.01 40.02
N ALA A 110 -0.32 24.23 40.14
CA ALA A 110 -0.88 23.94 41.45
C ALA A 110 0.05 23.09 42.31
N LYS A 111 0.81 22.17 41.69
CA LYS A 111 1.68 21.30 42.46
C LYS A 111 2.77 22.06 43.17
N ALA A 112 3.17 23.23 42.67
CA ALA A 112 4.20 24.04 43.30
C ALA A 112 3.66 24.96 44.39
N ARG A 113 2.34 25.06 44.54
CA ARG A 113 1.73 25.90 45.55
C ARG A 113 1.34 25.03 46.74
N PRO A 114 1.96 25.19 47.92
CA PRO A 114 1.48 24.42 49.08
C PRO A 114 0.05 24.75 49.46
N GLU A 115 -0.41 25.97 49.18
CA GLU A 115 -1.79 26.33 49.51
C GLU A 115 -2.77 25.48 48.72
N LEU A 116 -2.50 25.23 47.44
CA LEU A 116 -3.35 24.39 46.61
C LEU A 116 -2.89 22.94 46.62
N GLY A 117 -1.65 22.68 46.20
CA GLY A 117 -1.14 21.34 46.23
C GLY A 117 -1.77 20.45 45.18
N ARG A 118 -1.89 19.16 45.51
CA ARG A 118 -2.44 18.16 44.61
C ARG A 118 -3.89 17.84 44.86
N ASP A 119 -4.29 17.67 46.12
CA ASP A 119 -5.68 17.35 46.44
C ASP A 119 -6.64 18.47 46.06
N LEU A 120 -6.18 19.72 46.02
CA LEU A 120 -7.03 20.85 45.70
C LEU A 120 -6.86 21.29 44.24
N PHE A 121 -6.37 20.41 43.38
CA PHE A 121 -6.23 20.75 41.97
C PHE A 121 -7.58 20.77 41.27
N LEU A 122 -8.44 19.77 41.56
CA LEU A 122 -9.71 19.69 40.87
C LEU A 122 -10.66 20.81 41.29
N ALA A 123 -10.59 21.27 42.54
CA ALA A 123 -11.44 22.38 42.96
C ALA A 123 -11.04 23.69 42.28
N TRP A 124 -9.74 23.95 42.20
CA TRP A 124 -9.28 25.12 41.47
C TRP A 124 -9.65 25.02 39.99
N SER A 125 -9.56 23.81 39.42
CA SER A 125 -9.99 23.62 38.04
C SER A 125 -11.47 23.92 37.89
N GLY A 126 -12.28 23.50 38.86
CA GLY A 126 -13.70 23.81 38.81
C GLY A 126 -13.98 25.30 38.87
N TRP A 127 -13.21 26.03 39.69
CA TRP A 127 -13.40 27.47 39.75
C TRP A 127 -12.98 28.12 38.43
N VAL A 128 -11.91 27.63 37.82
CA VAL A 128 -11.53 28.11 36.49
C VAL A 128 -12.68 27.86 35.51
N CYS A 129 -13.31 26.69 35.61
CA CYS A 129 -14.42 26.38 34.73
C CYS A 129 -15.60 27.30 34.97
N VAL A 130 -15.86 27.66 36.22
CA VAL A 130 -16.95 28.58 36.53
C VAL A 130 -16.68 29.94 35.87
N TRP A 131 -15.45 30.43 36.00
CA TRP A 131 -15.10 31.68 35.34
C TRP A 131 -15.25 31.58 33.83
N THR A 132 -14.82 30.47 33.25
CA THR A 132 -14.95 30.27 31.81
C THR A 132 -16.40 30.25 31.39
N ALA A 133 -17.27 29.62 32.18
CA ALA A 133 -18.69 29.60 31.87
C ALA A 133 -19.27 31.01 31.89
N LEU A 134 -18.90 31.82 32.89
CA LEU A 134 -19.38 33.19 32.92
C LEU A 134 -18.91 33.96 31.70
N MET A 135 -17.65 33.80 31.32
CA MET A 135 -17.13 34.52 30.15
C MET A 135 -17.85 34.09 28.88
N LEU A 136 -18.10 32.79 28.73
CA LEU A 136 -18.82 32.30 27.55
C LEU A 136 -20.25 32.83 27.53
N PHE A 137 -20.89 32.90 28.69
CA PHE A 137 -22.24 33.47 28.75
C PHE A 137 -22.21 34.92 28.29
N VAL A 138 -21.24 35.70 28.76
CA VAL A 138 -21.15 37.09 28.33
C VAL A 138 -20.94 37.17 26.83
N LEU A 139 -20.05 36.33 26.29
CA LEU A 139 -19.78 36.37 24.85
C LEU A 139 -21.01 36.01 24.04
N ALA A 140 -21.78 35.03 24.50
CA ALA A 140 -22.96 34.60 23.75
C ALA A 140 -24.08 35.64 23.84
N ILE A 141 -24.30 36.22 25.03
CA ILE A 141 -25.38 37.17 25.21
C ILE A 141 -25.16 38.40 24.35
N CYS A 142 -23.92 38.90 24.30
CA CYS A 142 -23.60 40.11 23.54
C CYS A 142 -23.46 39.86 22.05
N GLY A 143 -23.69 38.63 21.59
CA GLY A 143 -23.57 38.33 20.18
C GLY A 143 -22.16 38.45 19.65
N ALA A 144 -21.17 38.00 20.41
CA ALA A 144 -19.78 38.05 19.96
C ALA A 144 -19.48 37.05 18.85
N CYS A 145 -20.40 36.13 18.57
CA CYS A 145 -20.17 35.17 17.50
C CYS A 145 -20.45 35.74 16.12
N SER A 146 -20.97 36.97 16.04
CA SER A 146 -21.19 37.60 14.74
C SER A 146 -19.86 37.81 14.00
N ILE A 147 -18.77 37.97 14.74
CA ILE A 147 -17.47 38.10 14.12
C ILE A 147 -17.07 36.81 13.41
N ILE A 148 -17.68 35.69 13.78
CA ILE A 148 -17.37 34.41 13.13
C ILE A 148 -17.71 34.48 11.65
N ASN A 149 -18.80 35.17 11.30
CA ASN A 149 -19.18 35.32 9.91
C ASN A 149 -18.09 36.05 9.13
N ARG A 150 -17.48 37.07 9.73
CA ARG A 150 -16.47 37.85 9.03
C ARG A 150 -15.31 36.98 8.59
N PHE A 151 -14.88 36.06 9.45
CA PHE A 151 -13.76 35.20 9.11
C PHE A 151 -14.06 34.41 7.85
N THR A 152 -13.12 34.43 6.90
CA THR A 152 -13.33 33.84 5.59
C THR A 152 -12.90 32.37 5.62
N ARG A 153 -12.79 31.77 4.43
CA ARG A 153 -12.42 30.36 4.34
C ARG A 153 -11.03 30.12 4.90
N VAL A 154 -10.10 31.04 4.65
CA VAL A 154 -8.72 30.84 5.10
C VAL A 154 -8.66 30.75 6.62
N ALA A 155 -9.50 31.51 7.32
CA ALA A 155 -9.49 31.46 8.77
C ALA A 155 -9.83 30.08 9.31
N GLY A 156 -10.46 29.23 8.50
CA GLY A 156 -10.76 27.88 8.91
C GLY A 156 -9.77 26.88 8.35
N GLU A 157 -9.28 27.14 7.14
CA GLU A 157 -8.28 26.26 6.54
C GLU A 157 -6.99 26.28 7.36
N LEU A 158 -6.57 27.46 7.83
CA LEU A 158 -5.38 27.54 8.65
C LEU A 158 -5.54 26.75 9.94
N PHE A 159 -6.71 26.88 10.58
CA PHE A 159 -6.95 26.13 11.82
C PHE A 159 -6.95 24.64 11.56
N GLY A 160 -7.56 24.20 10.46
CA GLY A 160 -7.55 22.79 10.12
C GLY A 160 -6.15 22.26 9.91
N LEU A 161 -5.31 23.02 9.20
CA LEU A 161 -3.93 22.59 9.01
C LEU A 161 -3.16 22.56 10.32
N LEU A 162 -3.40 23.52 11.20
CA LEU A 162 -2.75 23.51 12.51
C LEU A 162 -3.12 22.25 13.29
N ILE A 163 -4.41 21.89 13.27
CA ILE A 163 -4.84 20.69 13.99
C ILE A 163 -4.24 19.44 13.34
N ALA A 164 -4.13 19.43 12.01
CA ALA A 164 -3.50 18.31 11.34
C ALA A 164 -2.06 18.15 11.78
N MET A 165 -1.33 19.26 11.88
CA MET A 165 0.05 19.20 12.33
C MET A 165 0.14 18.73 13.77
N LEU A 166 -0.79 19.18 14.63
CA LEU A 166 -0.79 18.71 16.01
C LEU A 166 -0.99 17.19 16.07
N PHE A 167 -1.94 16.68 15.30
CA PHE A 167 -2.20 15.24 15.31
C PHE A 167 -0.98 14.46 14.81
N MET A 168 -0.37 14.92 13.71
CA MET A 168 0.80 14.22 13.18
C MET A 168 1.97 14.26 14.17
N GLN A 169 2.17 15.40 14.83
CA GLN A 169 3.21 15.50 15.84
C GLN A 169 2.95 14.54 16.98
N GLN A 170 1.69 14.41 17.41
CA GLN A 170 1.36 13.46 18.46
C GLN A 170 1.68 12.04 18.02
N ALA A 171 1.35 11.69 16.78
CA ALA A 171 1.64 10.35 16.29
C ALA A 171 3.14 10.06 16.28
N ILE A 172 3.93 11.02 15.79
CA ILE A 172 5.38 10.83 15.72
C ILE A 172 5.96 10.73 17.13
N LYS A 173 5.45 11.55 18.06
CA LYS A 173 5.93 11.49 19.44
C LYS A 173 5.63 10.14 20.07
N GLY A 174 4.43 9.61 19.84
CA GLY A 174 4.11 8.29 20.36
C GLY A 174 5.00 7.21 19.77
N LEU A 175 5.24 7.26 18.46
CA LEU A 175 6.12 6.27 17.84
C LEU A 175 7.52 6.35 18.42
N VAL A 176 8.05 7.55 18.61
CA VAL A 176 9.37 7.68 19.22
C VAL A 176 9.37 7.13 20.63
N ASP A 177 8.34 7.47 21.42
CA ASP A 177 8.28 7.00 22.80
C ASP A 177 8.20 5.48 22.88
N GLU A 178 7.68 4.84 21.83
CA GLU A 178 7.65 3.38 21.83
C GLU A 178 9.06 2.79 21.94
N PHE A 179 10.08 3.55 21.57
CA PHE A 179 11.45 3.07 21.61
C PHE A 179 12.14 3.30 22.96
N ARG A 180 11.61 4.21 23.77
CA ARG A 180 12.30 4.67 24.97
C ARG A 180 11.69 4.01 26.20
N ILE A 181 12.12 4.46 27.38
CA ILE A 181 11.69 3.91 28.66
C ILE A 181 10.59 4.81 29.23
N PRO A 182 9.44 4.28 29.62
CA PRO A 182 8.48 5.10 30.36
C PRO A 182 9.07 5.52 31.70
N GLU A 183 8.68 6.71 32.14
CA GLU A 183 9.22 7.28 33.38
C GLU A 183 8.49 6.81 34.62
N ARG A 184 7.45 5.99 34.49
CA ARG A 184 6.67 5.51 35.61
C ARG A 184 6.77 4.01 35.85
N GLU A 185 7.20 3.24 34.85
CA GLU A 185 7.24 1.79 34.99
C GLU A 185 8.54 1.33 35.65
N ASN A 186 8.53 0.08 36.10
CA ASN A 186 9.71 -0.50 36.72
C ASN A 186 10.84 -0.60 35.70
N GLN A 187 11.96 0.08 35.99
CA GLN A 187 13.08 0.09 35.05
C GLN A 187 13.72 -1.28 34.90
N LYS A 188 13.77 -2.08 35.96
CA LYS A 188 14.43 -3.38 35.94
C LYS A 188 13.38 -4.45 35.63
N LEU A 189 13.03 -4.56 34.36
CA LEU A 189 12.12 -5.59 33.88
C LEU A 189 12.65 -6.15 32.57
N LYS A 190 12.29 -7.41 32.30
CA LYS A 190 12.82 -8.08 31.11
C LYS A 190 12.37 -7.38 29.83
N GLU A 191 11.10 -6.97 29.76
CA GLU A 191 10.59 -6.34 28.55
C GLU A 191 11.20 -4.96 28.30
N PHE A 192 11.94 -4.41 29.26
CA PHE A 192 12.53 -3.09 29.13
C PHE A 192 14.03 -3.14 28.90
N LEU A 193 14.55 -4.26 28.42
CA LEU A 193 15.95 -4.35 28.04
C LEU A 193 16.17 -3.61 26.71
N PRO A 194 17.40 -3.15 26.46
CA PRO A 194 17.65 -2.42 25.19
C PRO A 194 17.24 -3.20 23.96
N SER A 195 17.55 -4.51 23.92
CA SER A 195 17.14 -5.31 22.78
C SER A 195 15.63 -5.40 22.67
N TRP A 196 14.96 -5.60 23.81
CA TRP A 196 13.50 -5.68 23.79
C TRP A 196 12.87 -4.32 23.55
N ARG A 197 13.52 -3.23 23.99
CA ARG A 197 13.03 -1.90 23.66
C ARG A 197 13.07 -1.66 22.16
N PHE A 198 14.18 -2.04 21.52
CA PHE A 198 14.27 -1.89 20.07
C PHE A 198 13.24 -2.76 19.36
N ALA A 199 13.06 -4.00 19.84
CA ALA A 199 12.06 -4.88 19.23
C ALA A 199 10.67 -4.28 19.36
N ASN A 200 10.32 -3.76 20.53
CA ASN A 200 9.02 -3.15 20.72
C ASN A 200 8.83 -1.95 19.80
N GLY A 201 9.86 -1.12 19.68
CA GLY A 201 9.74 0.04 18.78
C GLY A 201 9.49 -0.38 17.35
N MET A 202 10.25 -1.35 16.86
CA MET A 202 10.09 -1.78 15.47
C MET A 202 8.73 -2.43 15.24
N PHE A 203 8.27 -3.24 16.20
CA PHE A 203 6.94 -3.84 16.07
C PHE A 203 5.86 -2.77 16.06
N ALA A 204 6.02 -1.74 16.90
CA ALA A 204 5.07 -0.63 16.90
C ALA A 204 5.05 0.08 15.56
N LEU A 205 6.24 0.30 14.97
CA LEU A 205 6.29 0.91 13.65
C LEU A 205 5.52 0.07 12.64
N VAL A 206 5.75 -1.24 12.65
CA VAL A 206 5.06 -2.12 11.69
C VAL A 206 3.55 -2.00 11.87
N LEU A 207 3.07 -2.10 13.12
CA LEU A 207 1.64 -2.11 13.36
C LEU A 207 1.00 -0.78 12.97
N SER A 208 1.63 0.32 13.37
CA SER A 208 1.05 1.64 13.10
C SER A 208 0.99 1.91 11.60
N PHE A 209 2.09 1.64 10.88
CA PHE A 209 2.09 1.90 9.45
C PHE A 209 1.16 0.97 8.71
N GLY A 210 1.05 -0.29 9.15
CA GLY A 210 0.09 -1.18 8.53
C GLY A 210 -1.34 -0.68 8.69
N LEU A 211 -1.70 -0.29 9.91
CA LEU A 211 -3.05 0.24 10.12
C LEU A 211 -3.30 1.45 9.25
N LEU A 212 -2.34 2.39 9.24
CA LEU A 212 -2.53 3.61 8.45
C LEU A 212 -2.73 3.29 6.97
N LEU A 213 -1.83 2.49 6.40
CA LEU A 213 -1.89 2.24 4.97
C LEU A 213 -3.14 1.47 4.58
N THR A 214 -3.50 0.44 5.35
CA THR A 214 -4.69 -0.33 5.01
C THR A 214 -5.96 0.50 5.15
N GLY A 215 -6.03 1.36 6.17
CA GLY A 215 -7.19 2.24 6.29
C GLY A 215 -7.29 3.20 5.13
N LEU A 216 -6.17 3.83 4.77
CA LEU A 216 -6.19 4.77 3.64
C LEU A 216 -6.60 4.06 2.36
N ARG A 217 -6.14 2.83 2.15
CA ARG A 217 -6.52 2.10 0.94
C ARG A 217 -7.98 1.68 0.96
N SER A 218 -8.48 1.19 2.10
CA SER A 218 -9.85 0.73 2.18
C SER A 218 -10.85 1.87 2.14
N ARG A 219 -10.42 3.10 2.39
CA ARG A 219 -11.34 4.23 2.28
C ARG A 219 -11.96 4.32 0.89
N LYS A 220 -11.30 3.81 -0.14
CA LYS A 220 -11.70 3.96 -1.52
C LYS A 220 -12.34 2.70 -2.09
N ALA A 221 -12.96 1.87 -1.25
CA ALA A 221 -13.44 0.56 -1.70
C ALA A 221 -14.56 0.68 -2.73
N ARG A 222 -15.35 1.77 -2.68
CA ARG A 222 -16.50 1.87 -3.55
C ARG A 222 -16.11 1.90 -5.02
N SER A 223 -14.95 2.47 -5.33
CA SER A 223 -14.46 2.57 -6.71
C SER A 223 -13.51 1.40 -7.02
N TRP A 224 -14.03 0.19 -6.88
CA TRP A 224 -13.25 -1.02 -7.13
C TRP A 224 -13.96 -1.91 -8.15
N ARG A 225 -13.17 -2.66 -8.91
CA ARG A 225 -13.70 -3.53 -9.95
C ARG A 225 -14.08 -4.91 -9.44
N TYR A 226 -13.79 -5.23 -8.18
CA TYR A 226 -13.91 -6.58 -7.66
C TYR A 226 -14.84 -6.60 -6.45
N GLY A 227 -15.37 -7.78 -6.17
CA GLY A 227 -16.29 -7.97 -5.06
C GLY A 227 -17.70 -7.52 -5.40
N THR A 228 -18.62 -7.86 -4.50
CA THR A 228 -20.02 -7.49 -4.66
C THR A 228 -20.27 -6.13 -4.01
N GLY A 229 -21.23 -5.40 -4.58
CA GLY A 229 -21.51 -4.06 -4.09
C GLY A 229 -21.77 -4.02 -2.59
N TRP A 230 -22.45 -5.04 -2.07
CA TRP A 230 -22.65 -5.13 -0.62
C TRP A 230 -21.32 -5.18 0.11
N LEU A 231 -20.40 -6.01 -0.36
CA LEU A 231 -19.09 -6.13 0.29
C LEU A 231 -18.29 -4.85 0.15
N ARG A 232 -18.32 -4.22 -1.02
CA ARG A 232 -17.59 -2.96 -1.20
C ARG A 232 -18.14 -1.88 -0.28
N SER A 233 -19.46 -1.81 -0.14
CA SER A 233 -20.04 -0.84 0.78
C SER A 233 -19.65 -1.14 2.22
N LEU A 234 -19.66 -2.42 2.60
CA LEU A 234 -19.25 -2.78 3.96
C LEU A 234 -17.82 -2.36 4.22
N ILE A 235 -16.92 -2.59 3.26
CA ILE A 235 -15.53 -2.18 3.44
C ILE A 235 -15.43 -0.66 3.52
N ALA A 236 -16.03 0.04 2.56
CA ALA A 236 -15.94 1.50 2.56
C ALA A 236 -16.53 2.11 3.81
N ASP A 237 -17.43 1.41 4.49
CA ASP A 237 -18.05 1.92 5.70
C ASP A 237 -17.23 1.59 6.94
N TYR A 238 -16.85 0.33 7.12
CA TYR A 238 -16.25 -0.14 8.36
C TYR A 238 -14.82 -0.61 8.17
N GLY A 239 -14.09 -0.03 7.21
CA GLY A 239 -12.71 -0.45 7.01
C GLY A 239 -11.81 -0.07 8.16
N VAL A 240 -11.83 1.19 8.57
CA VAL A 240 -10.93 1.65 9.61
C VAL A 240 -11.18 0.93 10.93
N PRO A 241 -12.42 0.81 11.43
CA PRO A 241 -12.63 -0.06 12.59
C PRO A 241 -12.20 -1.49 12.35
N LEU A 242 -12.46 -2.02 11.15
CA LEU A 242 -12.04 -3.38 10.84
C LEU A 242 -10.54 -3.51 10.86
N MET A 243 -9.83 -2.51 10.34
CA MET A 243 -8.37 -2.57 10.38
C MET A 243 -7.84 -2.45 11.81
N VAL A 244 -8.49 -1.63 12.63
CA VAL A 244 -8.11 -1.56 14.04
C VAL A 244 -8.19 -2.94 14.66
N LEU A 245 -9.32 -3.62 14.46
CA LEU A 245 -9.49 -4.96 15.02
C LEU A 245 -8.48 -5.94 14.43
N VAL A 246 -8.27 -5.88 13.12
CA VAL A 246 -7.39 -6.83 12.45
C VAL A 246 -5.96 -6.70 12.96
N TRP A 247 -5.47 -5.46 13.09
CA TRP A 247 -4.10 -5.28 13.53
C TRP A 247 -3.96 -5.50 15.03
N THR A 248 -5.02 -5.28 15.81
CA THR A 248 -5.00 -5.74 17.19
C THR A 248 -4.84 -7.25 17.25
N GLY A 249 -5.53 -7.98 16.38
CA GLY A 249 -5.35 -9.42 16.33
C GLY A 249 -3.95 -9.81 15.89
N VAL A 250 -3.40 -9.10 14.90
CA VAL A 250 -2.06 -9.40 14.41
C VAL A 250 -1.04 -9.21 15.52
N SER A 251 -1.21 -8.19 16.36
CA SER A 251 -0.25 -7.94 17.42
C SER A 251 -0.14 -9.10 18.41
N TYR A 252 -1.14 -9.99 18.44
CA TYR A 252 -1.12 -11.14 19.33
C TYR A 252 -0.43 -12.36 18.73
N ILE A 253 -0.06 -12.33 17.44
CA ILE A 253 0.51 -13.51 16.81
C ILE A 253 1.81 -13.95 17.47
N PRO A 254 2.80 -13.08 17.69
CA PRO A 254 4.07 -13.53 18.27
C PRO A 254 4.04 -13.63 19.79
N ALA A 255 2.85 -13.63 20.38
CA ALA A 255 2.74 -13.54 21.83
C ALA A 255 3.45 -14.70 22.55
N GLY A 256 3.64 -15.83 21.89
CA GLY A 256 4.25 -16.97 22.52
C GLY A 256 5.77 -16.94 22.59
N ASP A 257 6.41 -15.96 21.97
CA ASP A 257 7.87 -15.89 21.92
C ASP A 257 8.39 -14.55 22.40
N VAL A 258 7.62 -13.82 23.20
CA VAL A 258 8.01 -12.48 23.64
C VAL A 258 7.63 -12.30 25.11
N PRO A 259 8.23 -11.31 25.78
CA PRO A 259 7.85 -11.02 27.17
C PRO A 259 6.41 -10.55 27.29
N LYS A 260 5.98 -10.26 28.53
CA LYS A 260 4.59 -9.90 28.77
C LYS A 260 4.19 -8.64 28.02
N GLY A 261 4.99 -7.58 28.16
CA GLY A 261 4.60 -6.27 27.65
C GLY A 261 5.15 -5.94 26.27
N ILE A 262 5.10 -6.90 25.35
CA ILE A 262 5.54 -6.66 23.98
C ILE A 262 4.43 -7.13 23.04
N PRO A 263 3.75 -6.24 22.31
CA PRO A 263 3.86 -4.77 22.30
C PRO A 263 3.18 -4.14 23.50
N ARG A 264 3.42 -2.86 23.77
CA ARG A 264 2.75 -2.19 24.87
C ARG A 264 1.27 -2.01 24.56
N ARG A 265 0.43 -2.23 25.57
CA ARG A 265 -1.00 -2.13 25.44
C ARG A 265 -1.47 -0.79 26.01
N LEU A 266 -2.79 -0.61 26.12
CA LEU A 266 -3.32 0.69 26.48
C LEU A 266 -3.26 0.93 27.99
N PHE A 267 -3.96 0.11 28.77
CA PHE A 267 -3.98 0.29 30.22
C PHE A 267 -3.20 -0.82 30.91
N GLY A 278 -16.99 6.30 36.65
CA GLY A 278 -17.79 7.38 36.10
C GLY A 278 -17.27 8.75 36.48
N ASN A 279 -18.06 9.48 37.28
CA ASN A 279 -17.69 10.81 37.70
C ASN A 279 -18.24 11.05 39.11
N TRP A 280 -17.94 12.21 39.65
CA TRP A 280 -18.30 12.55 41.03
C TRP A 280 -18.52 14.06 41.09
N THR A 281 -18.53 14.62 42.30
CA THR A 281 -18.72 16.05 42.49
C THR A 281 -17.63 16.58 43.41
N VAL A 282 -17.14 17.77 43.09
CA VAL A 282 -16.07 18.41 43.84
C VAL A 282 -16.54 19.70 44.51
N VAL A 283 -17.86 19.85 44.68
CA VAL A 283 -18.39 21.10 45.23
C VAL A 283 -17.94 21.28 46.67
N LYS A 284 -17.91 20.20 47.45
CA LYS A 284 -17.58 20.33 48.87
C LYS A 284 -16.17 20.85 49.05
N GLU A 285 -15.19 20.20 48.44
CA GLU A 285 -13.82 20.67 48.53
C GLU A 285 -13.62 21.96 47.73
N MET A 286 -14.62 22.36 46.95
CA MET A 286 -14.55 23.63 46.24
C MET A 286 -14.47 24.79 47.22
N LEU A 287 -15.24 24.73 48.31
CA LEU A 287 -15.29 25.80 49.28
C LEU A 287 -14.05 25.87 50.17
N ASP A 288 -13.18 24.86 50.11
CA ASP A 288 -11.95 24.87 50.91
C ASP A 288 -10.83 25.67 50.24
N VAL A 289 -10.98 26.03 48.98
CA VAL A 289 -9.92 26.79 48.30
C VAL A 289 -9.85 28.19 48.90
N PRO A 290 -8.67 28.66 49.32
CA PRO A 290 -8.59 30.03 49.83
C PRO A 290 -8.93 31.04 48.75
N ILE A 291 -9.50 32.18 49.17
CA ILE A 291 -9.87 33.19 48.19
C ILE A 291 -8.68 34.09 47.92
N VAL A 292 -7.69 33.56 47.21
CA VAL A 292 -6.74 34.34 46.45
C VAL A 292 -6.54 33.65 45.10
N TYR A 293 -6.95 32.38 45.02
CA TYR A 293 -6.90 31.60 43.80
C TYR A 293 -8.26 31.49 43.13
N ILE A 294 -9.35 31.69 43.87
CA ILE A 294 -10.65 31.83 43.22
C ILE A 294 -10.65 33.04 42.31
N ILE A 295 -10.10 34.15 42.79
CA ILE A 295 -9.89 35.32 41.95
C ILE A 295 -8.78 35.07 40.93
N GLY A 296 -7.73 34.35 41.34
CA GLY A 296 -6.61 34.10 40.45
C GLY A 296 -6.95 33.20 39.28
N ALA A 297 -8.05 32.46 39.36
CA ALA A 297 -8.48 31.60 38.27
C ALA A 297 -8.93 32.40 37.05
N PHE A 298 -9.09 33.71 37.18
CA PHE A 298 -9.58 34.53 36.08
C PHE A 298 -8.65 34.46 34.87
N ILE A 299 -7.35 34.35 35.09
CA ILE A 299 -6.37 34.40 34.01
C ILE A 299 -6.48 33.16 33.13
N PRO A 300 -6.24 31.96 33.65
CA PRO A 300 -6.46 30.77 32.82
C PRO A 300 -7.89 30.66 32.35
N ALA A 301 -8.84 31.16 33.14
CA ALA A 301 -10.22 31.18 32.70
C ALA A 301 -10.39 32.03 31.45
N SER A 302 -9.78 33.21 31.41
CA SER A 302 -9.88 34.04 30.21
C SER A 302 -9.21 33.37 29.02
N MET A 303 -8.05 32.76 29.23
CA MET A 303 -7.38 32.08 28.13
C MET A 303 -8.25 30.95 27.57
N ILE A 304 -8.81 30.13 28.47
CA ILE A 304 -9.63 29.00 28.02
C ILE A 304 -10.90 29.51 27.38
N ALA A 305 -11.47 30.61 27.87
CA ALA A 305 -12.68 31.14 27.28
C ALA A 305 -12.43 31.60 25.85
N VAL A 306 -11.33 32.30 25.61
CA VAL A 306 -11.02 32.73 24.24
C VAL A 306 -10.76 31.51 23.36
N LEU A 307 -10.01 30.53 23.88
CA LEU A 307 -9.70 29.35 23.08
C LEU A 307 -10.98 28.60 22.70
N TYR A 308 -11.90 28.44 23.64
CA TYR A 308 -13.15 27.76 23.34
C TYR A 308 -14.02 28.57 22.40
N TYR A 309 -14.06 29.90 22.60
CA TYR A 309 -14.83 30.74 21.69
C TYR A 309 -14.38 30.55 20.26
N PHE A 310 -13.06 30.48 20.03
CA PHE A 310 -12.56 30.27 18.68
C PHE A 310 -12.83 28.84 18.20
N ASP A 311 -12.52 27.84 19.05
CA ASP A 311 -12.57 26.46 18.62
C ASP A 311 -14.00 26.01 18.31
N HIS A 312 -14.93 26.28 19.23
CA HIS A 312 -16.32 25.90 19.02
C HIS A 312 -16.85 26.46 17.71
N SER A 313 -16.61 27.75 17.48
CA SER A 313 -17.16 28.42 16.30
C SER A 313 -16.53 27.89 15.02
N VAL A 314 -15.20 27.74 15.00
CA VAL A 314 -14.55 27.29 13.78
C VAL A 314 -14.93 25.85 13.47
N ALA A 315 -15.02 25.00 14.50
CA ALA A 315 -15.46 23.63 14.29
C ALA A 315 -16.90 23.59 13.76
N SER A 316 -17.76 24.45 14.31
CA SER A 316 -19.16 24.48 13.85
C SER A 316 -19.25 24.91 12.40
N GLN A 317 -18.49 25.93 12.02
CA GLN A 317 -18.57 26.45 10.65
C GLN A 317 -17.80 25.60 9.65
N LEU A 318 -16.88 24.76 10.10
CA LEU A 318 -16.24 23.81 9.20
C LEU A 318 -17.14 22.63 8.89
N ALA A 319 -18.12 22.35 9.74
CA ALA A 319 -19.12 21.32 9.48
C ALA A 319 -20.31 21.85 8.70
N GLN A 320 -20.31 23.12 8.33
CA GLN A 320 -21.41 23.75 7.60
C GLN A 320 -20.90 24.47 6.36
N GLN A 321 -20.02 23.82 5.60
CA GLN A 321 -19.53 24.43 4.37
C GLN A 321 -20.66 24.57 3.36
N LYS A 322 -20.56 25.62 2.53
CA LYS A 322 -21.61 25.88 1.54
C LYS A 322 -21.69 24.76 0.50
N GLU A 323 -20.60 24.02 0.28
CA GLU A 323 -20.60 22.95 -0.71
C GLU A 323 -21.56 21.83 -0.34
N PHE A 324 -21.91 21.69 0.93
CA PHE A 324 -22.77 20.61 1.37
C PHE A 324 -24.25 20.89 1.17
N ASN A 325 -24.62 22.14 0.88
CA ASN A 325 -26.01 22.52 0.62
C ASN A 325 -26.91 22.07 1.77
N LEU A 326 -26.63 22.62 2.95
CA LEU A 326 -27.45 22.33 4.12
C LEU A 326 -28.74 23.14 4.07
N ARG A 327 -29.83 22.52 4.52
CA ARG A 327 -31.16 23.12 4.46
C ARG A 327 -31.61 23.71 5.78
N LYS A 328 -30.74 23.75 6.79
CA LYS A 328 -31.15 24.18 8.12
C LYS A 328 -30.22 25.27 8.64
N PRO A 329 -30.71 26.13 9.53
CA PRO A 329 -29.91 27.28 9.97
C PRO A 329 -28.84 26.89 10.99
N SER A 330 -28.03 27.88 11.34
CA SER A 330 -26.95 27.73 12.31
C SER A 330 -27.36 28.30 13.66
N SER A 331 -26.66 27.86 14.71
CA SER A 331 -26.97 28.24 16.08
C SER A 331 -25.70 28.60 16.84
N TYR A 332 -24.86 29.45 16.25
CA TYR A 332 -23.58 29.78 16.89
C TYR A 332 -23.78 30.36 18.28
N HIS A 333 -24.70 31.32 18.42
CA HIS A 333 -24.90 31.98 19.71
C HIS A 333 -25.46 31.01 20.74
N TYR A 334 -26.51 30.29 20.38
CA TYR A 334 -27.09 29.32 21.32
C TYR A 334 -26.09 28.20 21.61
N ASP A 335 -25.29 27.82 20.62
CA ASP A 335 -24.27 26.81 20.85
C ASP A 335 -23.26 27.28 21.86
N LEU A 336 -22.84 28.55 21.78
CA LEU A 336 -21.89 29.07 22.75
C LEU A 336 -22.50 29.15 24.15
N LEU A 337 -23.78 29.52 24.24
CA LEU A 337 -24.45 29.53 25.54
C LEU A 337 -24.47 28.12 26.14
N LEU A 338 -24.82 27.13 25.33
CA LEU A 338 -24.84 25.76 25.82
C LEU A 338 -23.44 25.28 26.17
N LEU A 339 -22.42 25.73 25.44
CA LEU A 339 -21.05 25.38 25.80
C LEU A 339 -20.69 25.96 27.16
N GLY A 340 -21.11 27.19 27.44
CA GLY A 340 -20.88 27.74 28.77
C GLY A 340 -21.55 26.91 29.85
N PHE A 341 -22.79 26.52 29.61
CA PHE A 341 -23.49 25.69 30.60
C PHE A 341 -22.78 24.36 30.80
N LEU A 342 -22.36 23.72 29.71
CA LEU A 342 -21.67 22.44 29.80
C LEU A 342 -20.33 22.58 30.49
N THR A 343 -19.61 23.68 30.25
CA THR A 343 -18.34 23.91 30.94
C THR A 343 -18.57 24.07 32.44
N LEU A 344 -19.61 24.81 32.84
CA LEU A 344 -19.94 24.92 34.24
C LEU A 344 -20.20 23.53 34.83
N MET A 345 -21.01 22.72 34.14
CA MET A 345 -21.34 21.39 34.64
C MET A 345 -20.09 20.53 34.76
N CYS A 346 -19.23 20.55 33.75
CA CYS A 346 -18.03 19.72 33.77
C CYS A 346 -17.09 20.15 34.89
N GLY A 347 -16.93 21.45 35.10
CA GLY A 347 -16.14 21.92 36.22
C GLY A 347 -16.70 21.45 37.55
N LEU A 348 -18.02 21.52 37.71
CA LEU A 348 -18.62 21.05 38.95
C LEU A 348 -18.46 19.54 39.12
N LEU A 349 -18.40 18.79 38.02
CA LEU A 349 -18.24 17.35 38.10
C LEU A 349 -16.79 16.91 38.25
N GLY A 350 -15.83 17.83 38.14
CA GLY A 350 -14.43 17.46 38.24
C GLY A 350 -13.89 16.71 37.04
N VAL A 351 -14.28 17.09 35.84
CA VAL A 351 -13.75 16.52 34.61
C VAL A 351 -13.35 17.66 33.67
N PRO A 352 -12.42 17.41 32.75
CA PRO A 352 -12.09 18.44 31.78
C PRO A 352 -13.27 18.74 30.88
N PRO A 353 -13.45 19.99 30.46
CA PRO A 353 -14.59 20.34 29.61
C PRO A 353 -14.42 19.87 28.18
N SER A 354 -15.55 19.72 27.50
CA SER A 354 -15.59 19.38 26.09
C SER A 354 -15.99 20.59 25.26
N ASN A 355 -15.64 20.55 23.98
CA ASN A 355 -16.01 21.59 23.05
C ASN A 355 -15.94 21.02 21.63
N GLY A 356 -16.39 21.81 20.67
CA GLY A 356 -16.40 21.37 19.28
C GLY A 356 -15.01 21.01 18.80
N VAL A 357 -14.86 19.81 18.27
CA VAL A 357 -13.56 19.27 17.89
C VAL A 357 -13.54 19.02 16.39
N ILE A 358 -12.43 19.38 15.76
CA ILE A 358 -12.17 18.99 14.38
C ILE A 358 -11.01 18.01 14.38
N PRO A 359 -10.93 17.09 13.41
CA PRO A 359 -11.78 16.95 12.22
C PRO A 359 -13.07 16.19 12.48
N GLN A 360 -13.37 15.84 13.74
CA GLN A 360 -14.51 14.96 14.00
C GLN A 360 -15.81 15.51 13.41
N SER A 361 -15.99 16.84 13.47
CA SER A 361 -17.24 17.42 13.00
C SER A 361 -17.33 17.44 11.47
N PRO A 362 -16.34 17.94 10.74
CA PRO A 362 -16.39 17.81 9.28
C PRO A 362 -16.45 16.37 8.81
N MET A 363 -15.77 15.45 9.49
CA MET A 363 -15.88 14.03 9.14
C MET A 363 -17.31 13.54 9.36
N HIS A 364 -17.96 13.98 10.43
CA HIS A 364 -19.36 13.62 10.66
C HIS A 364 -20.23 14.10 9.51
N THR A 365 -20.05 15.36 9.11
CA THR A 365 -20.85 15.91 8.01
C THR A 365 -20.61 15.14 6.71
N LYS A 366 -19.34 14.83 6.43
CA LYS A 366 -19.03 14.08 5.21
C LYS A 366 -19.65 12.70 5.24
N SER A 367 -19.61 12.02 6.38
CA SER A 367 -20.19 10.69 6.48
C SER A 367 -21.70 10.75 6.28
N LEU A 368 -22.36 11.77 6.83
CA LEU A 368 -23.80 11.89 6.63
C LEU A 368 -24.13 12.21 5.17
N ALA A 369 -23.32 13.05 4.53
CA ALA A 369 -23.50 13.31 3.11
C ALA A 369 -23.39 12.03 2.30
N THR A 370 -22.40 11.19 2.62
CA THR A 370 -22.25 9.93 1.90
C THR A 370 -23.43 9.00 2.16
N LEU A 371 -23.94 8.98 3.38
CA LEU A 371 -25.12 8.17 3.68
C LEU A 371 -26.31 8.59 2.82
N LYS A 372 -26.57 9.90 2.76
CA LYS A 372 -27.67 10.37 1.94
C LYS A 372 -27.44 10.07 0.47
N TYR A 373 -26.20 10.24 0.01
CA TYR A 373 -25.90 9.95 -1.39
C TYR A 373 -26.16 8.50 -1.73
N GLN A 374 -25.77 7.58 -0.84
CA GLN A 374 -25.97 6.17 -1.12
C GLN A 374 -27.44 5.79 -1.07
N LEU A 375 -28.19 6.35 -0.11
CA LEU A 375 -29.63 6.11 -0.08
C LEU A 375 -30.29 6.59 -1.37
N LEU A 376 -29.92 7.78 -1.83
CA LEU A 376 -30.46 8.33 -3.06
C LEU A 376 -30.09 7.47 -4.26
N ARG A 377 -28.83 7.03 -4.33
CA ARG A 377 -28.41 6.20 -5.45
C ARG A 377 -29.20 4.91 -5.49
N ASN A 378 -29.39 4.27 -4.33
CA ASN A 378 -30.16 3.03 -4.31
C ASN A 378 -31.60 3.27 -4.76
N ARG A 379 -32.24 4.31 -4.23
CA ARG A 379 -33.63 4.57 -4.59
C ARG A 379 -33.77 4.86 -6.08
N LEU A 380 -32.89 5.70 -6.62
CA LEU A 380 -33.00 6.07 -8.03
C LEU A 380 -32.66 4.89 -8.94
N VAL A 381 -31.70 4.05 -8.54
CA VAL A 381 -31.40 2.87 -9.35
C VAL A 381 -32.59 1.91 -9.36
N ALA A 382 -33.22 1.72 -8.21
CA ALA A 382 -34.39 0.84 -8.17
C ALA A 382 -35.51 1.39 -9.04
N THR A 383 -35.77 2.70 -8.97
CA THR A 383 -36.82 3.28 -9.78
C THR A 383 -36.49 3.20 -11.26
N ALA A 384 -35.23 3.41 -11.62
CA ALA A 384 -34.82 3.30 -13.02
C ALA A 384 -34.98 1.89 -13.53
N ARG A 385 -34.63 0.89 -12.71
CA ARG A 385 -34.81 -0.49 -13.12
C ARG A 385 -36.28 -0.82 -13.27
N ARG A 386 -37.13 -0.31 -12.38
CA ARG A 386 -38.57 -0.55 -12.51
C ARG A 386 -39.12 0.10 -13.78
N SER A 387 -38.67 1.31 -14.11
CA SER A 387 -39.19 2.01 -15.26
C SER A 387 -38.65 1.46 -16.58
N ILE A 388 -37.42 0.94 -16.56
CA ILE A 388 -36.83 0.42 -17.79
C ILE A 388 -37.66 -0.73 -18.34
N LYS A 389 -38.33 -1.48 -17.46
CA LYS A 389 -39.11 -2.62 -17.92
C LYS A 389 -40.44 -2.21 -18.55
N THR A 390 -41.10 -1.18 -18.01
CA THR A 390 -42.46 -0.87 -18.45
C THR A 390 -42.48 -0.04 -19.73
N ASN A 391 -41.97 1.19 -19.70
CA ASN A 391 -41.95 2.04 -20.90
C ASN A 391 -40.54 2.45 -21.28
N ALA A 392 -39.79 3.07 -20.38
CA ALA A 392 -38.38 3.38 -20.60
C ALA A 392 -38.18 4.26 -21.84
N SER A 393 -38.80 5.45 -21.80
CA SER A 393 -38.74 6.37 -22.92
C SER A 393 -37.58 7.35 -22.86
N LEU A 394 -36.78 7.33 -21.80
CA LEU A 394 -35.63 8.24 -21.65
C LEU A 394 -36.11 9.70 -21.69
N GLY A 395 -36.85 10.06 -20.65
CA GLY A 395 -37.50 11.35 -20.56
C GLY A 395 -38.82 11.18 -19.84
N GLN A 396 -39.37 9.98 -19.96
CA GLN A 396 -40.40 9.50 -19.04
C GLN A 396 -39.78 8.77 -17.87
N LEU A 397 -38.58 8.21 -18.07
CA LEU A 397 -37.83 7.63 -16.96
C LEU A 397 -37.20 8.70 -16.08
N TYR A 398 -36.65 9.75 -16.70
CA TYR A 398 -36.02 10.83 -15.93
C TYR A 398 -37.03 11.54 -15.05
N ASP A 399 -38.23 11.78 -15.56
CA ASP A 399 -39.28 12.38 -14.74
C ASP A 399 -39.65 11.47 -13.57
N ASN A 400 -39.68 10.15 -13.82
CA ASN A 400 -39.94 9.21 -12.74
C ASN A 400 -38.87 9.30 -11.66
N MET A 401 -37.60 9.39 -12.07
CA MET A 401 -36.52 9.51 -11.09
C MET A 401 -36.65 10.81 -10.31
N GLN A 402 -37.00 11.91 -10.98
CA GLN A 402 -37.20 13.17 -10.28
C GLN A 402 -38.34 13.08 -9.27
N GLU A 403 -39.42 12.41 -9.65
CA GLU A 403 -40.53 12.21 -8.71
C GLU A 403 -40.09 11.39 -7.50
N ALA A 404 -39.31 10.34 -7.73
CA ALA A 404 -38.82 9.54 -6.62
C ALA A 404 -37.94 10.37 -5.69
N TYR A 405 -37.03 11.15 -6.28
CA TYR A 405 -36.20 12.05 -5.49
C TYR A 405 -37.06 12.96 -4.62
N HIS A 406 -38.04 13.63 -5.24
CA HIS A 406 -38.85 14.58 -4.49
C HIS A 406 -39.64 13.90 -3.39
N HIS A 407 -40.19 12.71 -3.66
CA HIS A 407 -40.91 11.99 -2.63
C HIS A 407 -40.00 11.65 -1.46
N MET A 408 -38.76 11.25 -1.74
CA MET A 408 -37.87 10.83 -0.67
C MET A 408 -37.55 11.98 0.28
N GLN A 409 -37.33 13.18 -0.24
CA GLN A 409 -36.91 14.32 0.57
C GLN A 409 -37.85 14.60 1.73
N TPO A 410 -37.36 15.35 2.71
CA TPO A 410 -38.15 15.74 3.91
CB TPO A 410 -37.32 15.59 5.18
CG2 TPO A 410 -38.15 15.93 6.42
OG1 TPO A 410 -36.88 14.23 5.27
P TPO A 410 -35.28 14.20 5.52
O1P TPO A 410 -34.99 14.61 6.90
O2P TPO A 410 -34.74 12.71 5.27
O3P TPO A 410 -34.53 15.21 4.49
C TPO A 410 -38.65 17.18 3.78
O TPO A 410 -37.86 18.07 3.49
N PRO A 411 -39.95 17.41 3.99
CA PRO A 411 -40.47 18.78 3.84
C PRO A 411 -40.09 19.69 5.01
N LEU A 412 -39.40 20.77 4.71
CA LEU A 412 -39.00 21.77 5.70
C LEU A 412 -39.53 23.14 5.25
N VAL A 413 -39.12 24.19 5.97
CA VAL A 413 -39.64 25.53 5.74
C VAL A 413 -38.58 26.53 5.31
N TYR A 414 -37.29 26.17 5.35
CA TYR A 414 -36.24 27.15 5.06
C TYR A 414 -35.86 27.14 3.58
N GLN A 415 -35.39 26.01 3.09
CA GLN A 415 -34.88 25.87 1.73
C GLN A 415 -35.72 24.84 0.97
N GLN A 416 -35.30 24.57 -0.26
CA GLN A 416 -35.94 23.57 -1.10
C GLN A 416 -34.90 22.56 -1.57
N PRO A 417 -35.29 21.30 -1.78
CA PRO A 417 -34.35 20.33 -2.32
C PRO A 417 -33.66 20.85 -3.57
N GLN A 418 -32.40 20.41 -3.75
CA GLN A 418 -31.66 20.78 -4.95
C GLN A 418 -32.32 20.19 -6.20
N GLY A 419 -32.67 18.92 -6.16
CA GLY A 419 -33.23 18.27 -7.33
C GLY A 419 -32.16 17.76 -8.27
N LEU A 420 -32.47 16.66 -8.95
CA LEU A 420 -31.54 16.09 -9.90
C LEU A 420 -31.17 17.12 -10.96
N LYS A 421 -29.89 17.18 -11.29
CA LYS A 421 -29.42 18.20 -12.22
C LYS A 421 -29.72 17.79 -13.67
N GLU A 422 -29.50 18.72 -14.57
CA GLU A 422 -29.88 18.55 -15.97
C GLU A 422 -29.17 17.34 -16.58
N LEU A 423 -29.89 16.62 -17.43
CA LEU A 423 -29.30 15.52 -18.19
C LEU A 423 -28.32 16.09 -19.21
N LYS A 424 -27.06 15.64 -19.14
CA LYS A 424 -26.01 16.26 -19.92
C LYS A 424 -26.24 16.07 -21.41
N GLU A 425 -25.78 17.05 -22.19
CA GLU A 425 -25.93 16.98 -23.64
C GLU A 425 -25.18 15.78 -24.22
N SER A 426 -23.98 15.51 -23.72
CA SER A 426 -23.21 14.37 -24.22
C SER A 426 -23.95 13.07 -23.96
N THR A 427 -24.56 12.93 -22.79
CA THR A 427 -25.25 11.70 -22.43
C THR A 427 -26.38 11.41 -23.41
N ILE A 428 -27.22 12.41 -23.68
CA ILE A 428 -28.34 12.19 -24.59
C ILE A 428 -27.84 12.01 -26.02
N GLN A 429 -26.82 12.77 -26.41
CA GLN A 429 -26.33 12.68 -27.78
C GLN A 429 -25.73 11.31 -28.06
N ALA A 430 -25.09 10.70 -27.06
CA ALA A 430 -24.58 9.35 -27.24
C ALA A 430 -25.71 8.37 -27.54
N THR A 431 -26.86 8.57 -26.91
CA THR A 431 -28.02 7.71 -27.13
C THR A 431 -29.00 8.36 -28.10
N PRO A 440 -38.23 4.17 -26.95
CA PRO A 440 -37.71 3.69 -25.68
C PRO A 440 -36.21 3.91 -25.52
N VAL A 441 -35.58 3.24 -24.55
CA VAL A 441 -34.16 3.38 -24.27
C VAL A 441 -33.51 2.01 -24.41
N ASP A 442 -32.41 1.95 -25.14
CA ASP A 442 -31.66 0.71 -25.30
C ASP A 442 -30.76 0.50 -24.09
N GLU A 443 -31.01 -0.58 -23.34
CA GLU A 443 -30.19 -0.85 -22.16
C GLU A 443 -28.72 -0.99 -22.53
N THR A 444 -28.42 -1.58 -23.68
CA THR A 444 -27.03 -1.73 -24.09
C THR A 444 -26.31 -0.39 -24.16
N LEU A 445 -27.02 0.67 -24.50
CA LEU A 445 -26.42 2.00 -24.64
C LEU A 445 -26.81 2.94 -23.50
N PHE A 446 -27.33 2.40 -22.40
CA PHE A 446 -27.67 3.20 -21.22
C PHE A 446 -27.39 2.36 -19.99
N ASP A 447 -26.25 2.61 -19.35
CA ASP A 447 -25.88 1.92 -18.12
C ASP A 447 -26.27 2.80 -16.94
N ILE A 448 -27.11 2.24 -16.05
CA ILE A 448 -27.61 3.03 -14.93
C ILE A 448 -26.48 3.42 -14.00
N GLU A 449 -25.56 2.49 -13.70
CA GLU A 449 -24.49 2.77 -12.75
C GLU A 449 -23.60 3.90 -13.26
N LYS A 450 -23.24 3.87 -14.54
CA LYS A 450 -22.34 4.87 -15.08
C LYS A 450 -22.97 6.26 -15.05
N GLU A 451 -24.25 6.36 -15.39
CA GLU A 451 -24.88 7.67 -15.59
C GLU A 451 -25.50 8.25 -14.33
N ILE A 452 -25.96 7.41 -13.40
CA ILE A 452 -26.66 7.92 -12.22
C ILE A 452 -25.74 8.82 -11.39
N ASP A 453 -24.47 8.47 -11.31
CA ASP A 453 -23.54 9.27 -10.51
C ASP A 453 -23.37 10.68 -11.04
N ASP A 454 -23.66 10.92 -12.32
CA ASP A 454 -23.42 12.21 -12.93
C ASP A 454 -24.55 13.22 -12.73
N LEU A 455 -25.67 12.82 -12.16
CA LEU A 455 -26.80 13.71 -11.95
C LEU A 455 -27.35 13.62 -10.54
N LEU A 456 -26.46 13.47 -9.56
CA LEU A 456 -26.84 13.40 -8.14
C LEU A 456 -26.25 14.60 -7.41
N PRO A 457 -27.04 15.41 -6.72
CA PRO A 457 -26.50 16.55 -6.00
C PRO A 457 -25.83 16.11 -4.70
N VAL A 458 -25.13 17.05 -4.08
CA VAL A 458 -24.52 16.84 -2.78
C VAL A 458 -25.51 17.30 -1.71
N GLU A 459 -25.88 16.39 -0.82
CA GLU A 459 -26.85 16.69 0.23
C GLU A 459 -26.47 15.91 1.48
N VAL A 460 -26.84 16.47 2.63
CA VAL A 460 -26.45 15.92 3.93
C VAL A 460 -27.70 15.44 4.65
N LYS A 461 -27.64 14.23 5.19
CA LYS A 461 -28.71 13.66 6.00
C LYS A 461 -28.55 14.17 7.42
N GLU A 462 -29.15 15.33 7.70
CA GLU A 462 -29.02 15.97 9.00
C GLU A 462 -30.03 15.40 9.98
N GLN A 463 -29.57 15.08 11.18
CA GLN A 463 -30.41 14.49 12.22
C GLN A 463 -29.60 14.47 13.52
N ARG A 464 -30.28 14.11 14.61
CA ARG A 464 -29.68 14.09 15.93
C ARG A 464 -29.39 12.68 16.44
N VAL A 465 -29.70 11.64 15.68
CA VAL A 465 -29.59 10.27 16.19
C VAL A 465 -28.14 9.81 16.18
N SER A 466 -27.40 10.14 15.12
CA SER A 466 -26.02 9.67 15.02
C SER A 466 -25.17 10.22 16.15
N ASN A 467 -25.33 11.51 16.46
CA ASN A 467 -24.57 12.11 17.55
C ASN A 467 -24.90 11.46 18.89
N LEU A 468 -26.19 11.22 19.15
CA LEU A 468 -26.58 10.59 20.41
C LEU A 468 -26.00 9.19 20.52
N LEU A 469 -26.08 8.40 19.45
CA LEU A 469 -25.56 7.04 19.49
C LEU A 469 -24.05 7.03 19.68
N GLN A 470 -23.35 7.93 18.99
CA GLN A 470 -21.90 8.01 19.15
C GLN A 470 -21.51 8.39 20.58
N SER A 471 -22.22 9.36 21.16
CA SER A 471 -21.94 9.74 22.54
C SER A 471 -22.22 8.59 23.50
N THR A 472 -23.31 7.86 23.28
CA THR A 472 -23.64 6.74 24.15
C THR A 472 -22.59 5.63 24.04
N MET A 473 -22.09 5.39 22.83
CA MET A 473 -21.03 4.39 22.66
C MET A 473 -19.77 4.82 23.38
N VAL A 474 -19.40 6.10 23.28
CA VAL A 474 -18.24 6.59 24.02
C VAL A 474 -18.45 6.41 25.51
N GLY A 475 -19.68 6.61 25.97
CA GLY A 475 -19.98 6.38 27.38
C GLY A 475 -19.81 4.94 27.80
N GLY A 476 -20.28 4.01 26.95
CA GLY A 476 -20.12 2.59 27.23
C GLY A 476 -18.69 2.11 27.16
N CYS A 477 -17.83 2.82 26.43
CA CYS A 477 -16.41 2.49 26.45
C CYS A 477 -15.86 2.49 27.87
N VAL A 478 -16.44 3.30 28.77
CA VAL A 478 -15.99 3.34 30.15
C VAL A 478 -16.20 1.98 30.82
N ALA A 479 -17.35 1.36 30.60
CA ALA A 479 -17.59 0.04 31.16
C ALA A 479 -16.87 -1.06 30.39
N ALA A 480 -16.50 -0.81 29.14
CA ALA A 480 -15.83 -1.80 28.32
C ALA A 480 -14.30 -1.72 28.41
N MET A 481 -13.76 -1.28 29.54
CA MET A 481 -12.31 -1.13 29.66
C MET A 481 -11.54 -2.45 29.50
N PRO A 482 -11.97 -3.57 30.08
CA PRO A 482 -11.20 -4.81 29.89
C PRO A 482 -11.00 -5.18 28.43
N ILE A 483 -11.97 -4.88 27.57
CA ILE A 483 -11.78 -5.10 26.14
C ILE A 483 -10.78 -4.09 25.58
N LEU A 484 -10.86 -2.84 26.01
CA LEU A 484 -9.93 -1.82 25.54
C LEU A 484 -8.49 -2.11 25.98
N LYS A 485 -8.31 -2.96 26.99
CA LYS A 485 -6.97 -3.27 27.47
C LYS A 485 -6.14 -4.03 26.45
N MET A 486 -6.76 -4.62 25.44
CA MET A 486 -6.07 -5.43 24.46
C MET A 486 -5.54 -4.63 23.28
N ILE A 487 -5.85 -3.36 23.18
CA ILE A 487 -5.49 -2.54 22.02
C ILE A 487 -4.06 -2.04 22.24
N PRO A 488 -3.12 -2.31 21.32
CA PRO A 488 -1.79 -1.72 21.44
C PRO A 488 -1.80 -0.24 21.12
N THR A 489 -0.80 0.46 21.67
CA THR A 489 -0.72 1.91 21.48
C THR A 489 -0.30 2.27 20.06
N SER A 490 0.41 1.36 19.38
CA SER A 490 0.80 1.62 18.00
C SER A 490 -0.42 1.78 17.11
N VAL A 491 -1.51 1.07 17.41
CA VAL A 491 -2.76 1.28 16.69
C VAL A 491 -3.25 2.71 16.92
N LEU A 492 -3.15 3.20 18.16
CA LEU A 492 -3.54 4.56 18.46
C LEU A 492 -2.73 5.56 17.64
N TRP A 493 -1.42 5.34 17.52
CA TRP A 493 -0.58 6.28 16.77
C TRP A 493 -0.89 6.21 15.28
N GLY A 494 -1.13 5.01 14.75
CA GLY A 494 -1.54 4.89 13.36
C GLY A 494 -2.83 5.62 13.08
N TYR A 495 -3.80 5.51 14.00
CA TYR A 495 -5.06 6.23 13.83
C TYR A 495 -4.87 7.73 13.97
N PHE A 496 -3.96 8.17 14.84
CA PHE A 496 -3.67 9.60 14.92
C PHE A 496 -3.12 10.12 13.60
N ALA A 497 -2.22 9.36 12.97
CA ALA A 497 -1.73 9.75 11.65
C ALA A 497 -2.85 9.76 10.62
N PHE A 498 -3.74 8.77 10.69
CA PHE A 498 -4.88 8.73 9.76
C PHE A 498 -5.76 9.97 9.92
N MET A 499 -6.03 10.37 11.17
CA MET A 499 -6.84 11.55 11.41
C MET A 499 -6.12 12.81 10.96
N ALA A 500 -4.81 12.89 11.17
CA ALA A 500 -4.05 14.04 10.68
C ALA A 500 -4.16 14.17 9.18
N ILE A 501 -4.04 13.04 8.46
CA ILE A 501 -4.22 13.09 7.01
C ILE A 501 -5.67 13.40 6.67
N GLU A 502 -6.61 13.08 7.57
CA GLU A 502 -8.02 13.38 7.33
C GLU A 502 -8.36 14.84 7.58
N SER A 503 -7.54 15.55 8.37
CA SER A 503 -7.80 16.96 8.65
C SER A 503 -7.32 17.88 7.54
N LEU A 504 -6.74 17.33 6.48
CA LEU A 504 -6.44 18.07 5.26
C LEU A 504 -6.95 17.23 4.08
N PRO A 505 -8.28 17.05 3.99
CA PRO A 505 -8.82 16.11 2.99
C PRO A 505 -9.00 16.74 1.62
N GLY A 506 -8.41 17.91 1.41
CA GLY A 506 -8.57 18.62 0.14
C GLY A 506 -8.98 20.07 0.33
N ASN A 507 -8.65 20.64 1.49
CA ASN A 507 -8.93 22.05 1.72
C ASN A 507 -8.19 22.91 0.71
N GLN A 508 -8.84 24.01 0.31
CA GLN A 508 -8.30 24.85 -0.76
C GLN A 508 -6.89 25.32 -0.43
N PHE A 509 -6.61 25.60 0.84
CA PHE A 509 -5.27 26.00 1.23
C PHE A 509 -4.26 24.92 0.89
N TRP A 510 -4.58 23.67 1.23
CA TRP A 510 -3.67 22.57 0.94
C TRP A 510 -3.49 22.39 -0.56
N GLU A 511 -4.57 22.54 -1.33
CA GLU A 511 -4.46 22.41 -2.78
C GLU A 511 -3.55 23.50 -3.36
N ARG A 512 -3.70 24.73 -2.85
CA ARG A 512 -2.87 25.83 -3.35
C ARG A 512 -1.41 25.63 -2.97
N ILE A 513 -1.15 25.10 -1.77
CA ILE A 513 0.23 24.78 -1.39
C ILE A 513 0.78 23.69 -2.30
N LEU A 514 -0.04 22.67 -2.62
CA LEU A 514 0.40 21.60 -3.50
C LEU A 514 0.76 22.14 -4.87
N LEU A 515 -0.09 23.01 -5.42
CA LEU A 515 0.13 23.54 -6.77
C LEU A 515 1.36 24.43 -6.86
N LEU A 516 1.93 24.84 -5.73
CA LEU A 516 3.10 25.71 -5.74
C LEU A 516 4.38 24.87 -5.88
N PHE B 5 14.90 -27.22 -42.64
CA PHE B 5 15.68 -27.83 -41.53
C PHE B 5 17.02 -28.38 -42.01
N VAL B 6 17.53 -27.80 -43.09
CA VAL B 6 18.84 -28.20 -43.59
C VAL B 6 19.90 -27.85 -42.55
N PRO B 7 20.79 -28.78 -42.19
CA PRO B 7 21.77 -28.46 -41.13
C PRO B 7 22.65 -27.28 -41.49
N PHE B 8 22.94 -26.46 -40.49
CA PHE B 8 23.88 -25.34 -40.59
C PHE B 8 23.33 -24.17 -41.38
N GLU B 9 22.18 -24.33 -42.04
CA GLU B 9 21.71 -23.28 -42.94
C GLU B 9 21.38 -22.00 -42.19
N GLY B 10 20.65 -22.11 -41.07
CA GLY B 10 20.31 -20.92 -40.30
C GLY B 10 21.54 -20.19 -39.80
N ILE B 11 22.56 -20.95 -39.36
CA ILE B 11 23.76 -20.32 -38.84
C ILE B 11 24.46 -19.52 -39.94
N LYS B 12 24.62 -20.11 -41.13
CA LYS B 12 25.27 -19.39 -42.23
C LYS B 12 24.45 -18.16 -42.62
N ASN B 13 23.12 -18.31 -42.69
CA ASN B 13 22.28 -17.18 -43.07
C ASN B 13 22.42 -16.03 -42.08
N ASP B 14 22.38 -16.34 -40.78
CA ASP B 14 22.49 -15.31 -39.77
C ASP B 14 23.88 -14.67 -39.78
N LEU B 15 24.92 -15.47 -39.97
CA LEU B 15 26.28 -14.92 -40.02
C LEU B 15 26.44 -13.98 -41.20
N LYS B 16 25.94 -14.37 -42.37
CA LYS B 16 26.02 -13.50 -43.54
C LYS B 16 25.19 -12.23 -43.33
N GLY B 17 24.01 -12.36 -42.71
CA GLY B 17 23.20 -11.19 -42.46
C GLY B 17 23.86 -10.20 -41.54
N ARG B 18 24.47 -10.68 -40.45
CA ARG B 18 25.08 -9.80 -39.47
C ARG B 18 26.48 -9.35 -39.85
N LEU B 19 27.12 -10.01 -40.82
CA LEU B 19 28.50 -9.67 -41.17
C LEU B 19 28.60 -8.43 -42.05
N MET B 20 27.49 -7.89 -42.53
CA MET B 20 27.50 -6.71 -43.40
C MET B 20 27.32 -5.41 -42.62
N CYS B 21 27.29 -5.46 -41.28
CA CYS B 21 27.08 -4.26 -40.49
C CYS B 21 28.00 -4.16 -39.29
N TYR B 22 28.88 -5.13 -39.06
CA TYR B 22 29.74 -5.14 -37.87
C TYR B 22 30.42 -3.80 -37.67
N LYS B 23 31.23 -3.38 -38.65
CA LYS B 23 31.87 -2.07 -38.57
C LYS B 23 30.83 -0.97 -38.42
N GLN B 24 29.72 -1.08 -39.15
CA GLN B 24 28.66 -0.08 -39.05
C GLN B 24 28.09 -0.04 -37.63
N ASP B 25 27.88 -1.20 -37.01
CA ASP B 25 27.36 -1.23 -35.64
C ASP B 25 28.33 -0.54 -34.69
N TRP B 26 29.60 -0.94 -34.72
CA TRP B 26 30.56 -0.35 -33.79
C TRP B 26 30.70 1.15 -34.01
N THR B 27 30.76 1.59 -35.26
CA THR B 27 30.91 3.01 -35.54
C THR B 27 29.68 3.79 -35.09
N GLY B 28 28.48 3.28 -35.36
CA GLY B 28 27.28 3.95 -34.88
C GLY B 28 27.26 4.05 -33.37
N GLY B 29 27.73 3.01 -32.69
CA GLY B 29 27.85 3.09 -31.24
C GLY B 29 28.81 4.18 -30.81
N PHE B 30 29.99 4.23 -31.45
CA PHE B 30 30.95 5.27 -31.13
C PHE B 30 30.39 6.66 -31.42
N LYS B 31 29.72 6.82 -32.57
CA LYS B 31 29.17 8.12 -32.93
C LYS B 31 28.16 8.64 -31.93
N ALA B 32 27.54 7.75 -31.15
CA ALA B 32 26.54 8.18 -30.17
C ALA B 32 27.16 9.08 -29.10
N GLY B 33 28.46 9.01 -28.89
CA GLY B 33 29.10 9.89 -27.93
C GLY B 33 28.65 9.59 -26.50
N PHE B 34 28.84 10.59 -25.65
CA PHE B 34 28.52 10.46 -24.23
C PHE B 34 27.02 10.38 -23.98
N ARG B 35 26.18 10.67 -24.98
CA ARG B 35 24.74 10.55 -24.80
C ARG B 35 24.27 9.10 -24.74
N ILE B 36 25.14 8.14 -25.06
CA ILE B 36 24.78 6.73 -24.97
C ILE B 36 24.84 6.19 -23.55
N LEU B 37 25.30 7.00 -22.59
CA LEU B 37 25.51 6.49 -21.23
C LEU B 37 24.18 6.28 -20.51
N ALA B 38 23.20 7.15 -20.75
CA ALA B 38 21.94 7.05 -20.00
C ALA B 38 21.23 5.72 -20.24
N PRO B 39 21.01 5.27 -21.48
CA PRO B 39 20.46 3.91 -21.65
C PRO B 39 21.36 2.84 -21.04
N THR B 40 22.68 3.02 -21.15
CA THR B 40 23.61 2.03 -20.62
C THR B 40 23.47 1.90 -19.11
N THR B 41 23.51 3.03 -18.39
CA THR B 41 23.38 2.98 -16.94
C THR B 41 21.98 2.51 -16.53
N TYR B 42 20.96 2.89 -17.28
CA TYR B 42 19.61 2.43 -16.98
C TYR B 42 19.54 0.91 -17.03
N ILE B 43 20.04 0.31 -18.10
CA ILE B 43 20.01 -1.15 -18.21
C ILE B 43 20.94 -1.79 -17.17
N PHE B 44 22.08 -1.16 -16.88
CA PHE B 44 22.98 -1.69 -15.88
C PHE B 44 22.29 -1.80 -14.52
N PHE B 45 21.55 -0.76 -14.14
CA PHE B 45 20.83 -0.81 -12.87
C PHE B 45 19.65 -1.76 -12.94
N ALA B 46 19.04 -1.92 -14.12
CA ALA B 46 17.97 -2.89 -14.26
C ALA B 46 18.47 -4.31 -14.11
N SER B 47 19.72 -4.57 -14.48
CA SER B 47 20.27 -5.93 -14.50
C SER B 47 21.06 -6.30 -13.26
N ALA B 48 21.78 -5.35 -12.64
CA ALA B 48 22.69 -5.70 -11.57
C ALA B 48 21.95 -6.13 -10.31
N ILE B 49 20.95 -5.35 -9.89
CA ILE B 49 20.24 -5.66 -8.65
C ILE B 49 19.56 -7.02 -8.70
N PRO B 50 18.81 -7.37 -9.76
CA PRO B 50 18.26 -8.74 -9.81
C PRO B 50 19.34 -9.80 -9.77
N VAL B 51 20.49 -9.54 -10.38
CA VAL B 51 21.58 -10.52 -10.35
C VAL B 51 22.10 -10.68 -8.93
N ILE B 52 22.24 -9.58 -8.18
CA ILE B 52 22.68 -9.68 -6.80
C ILE B 52 21.65 -10.42 -5.97
N SER B 53 20.36 -10.19 -6.24
CA SER B 53 19.32 -10.91 -5.52
C SER B 53 19.39 -12.40 -5.79
N PHE B 54 19.60 -12.78 -7.06
CA PHE B 54 19.76 -14.20 -7.40
C PHE B 54 21.01 -14.78 -6.75
N GLY B 55 22.09 -13.99 -6.69
CA GLY B 55 23.28 -14.45 -6.02
C GLY B 55 23.06 -14.72 -4.55
N GLU B 56 22.32 -13.84 -3.87
CA GLU B 56 21.99 -14.07 -2.48
C GLU B 56 21.10 -15.30 -2.32
N GLN B 57 20.16 -15.49 -3.25
CA GLN B 57 19.33 -16.69 -3.22
C GLN B 57 20.19 -17.95 -3.33
N LEU B 58 21.14 -17.94 -4.27
CA LEU B 58 22.04 -19.09 -4.42
C LEU B 58 22.89 -19.29 -3.18
N GLU B 59 23.40 -18.20 -2.60
CA GLU B 59 24.22 -18.30 -1.41
C GLU B 59 23.44 -18.95 -0.27
N ARG B 60 22.20 -18.53 -0.07
CA ARG B 60 21.37 -19.15 0.96
C ARG B 60 20.95 -20.56 0.60
N SER B 61 20.95 -20.90 -0.70
CA SER B 61 20.48 -22.20 -1.15
C SER B 61 21.59 -23.16 -1.54
N THR B 62 22.84 -22.70 -1.65
CA THR B 62 23.96 -23.56 -1.99
C THR B 62 24.97 -23.66 -0.85
N ASP B 63 24.61 -23.27 0.36
CA ASP B 63 25.52 -23.28 1.51
C ASP B 63 26.79 -22.47 1.23
N GLY B 64 26.63 -21.37 0.51
CA GLY B 64 27.74 -20.46 0.27
C GLY B 64 28.66 -20.85 -0.86
N VAL B 65 28.41 -21.97 -1.54
CA VAL B 65 29.28 -22.36 -2.65
C VAL B 65 29.21 -21.35 -3.78
N LEU B 66 28.01 -20.91 -4.12
CA LEU B 66 27.79 -19.88 -5.12
C LEU B 66 27.19 -18.65 -4.45
N THR B 67 27.75 -17.49 -4.75
CA THR B 67 27.35 -16.24 -4.13
C THR B 67 27.18 -15.19 -5.22
N ALA B 68 26.97 -13.94 -4.80
CA ALA B 68 26.80 -12.86 -5.75
C ALA B 68 28.04 -12.64 -6.59
N VAL B 69 29.22 -13.00 -6.09
CA VAL B 69 30.44 -12.84 -6.88
C VAL B 69 30.37 -13.68 -8.14
N GLN B 70 29.95 -14.95 -8.00
CA GLN B 70 29.89 -15.84 -9.15
C GLN B 70 28.86 -15.37 -10.17
N THR B 71 27.68 -14.98 -9.70
CA THR B 71 26.65 -14.52 -10.64
C THR B 71 27.08 -13.23 -11.33
N LEU B 72 27.70 -12.32 -10.60
CA LEU B 72 28.18 -11.08 -11.21
C LEU B 72 29.24 -11.38 -12.27
N ALA B 73 30.19 -12.24 -11.94
CA ALA B 73 31.24 -12.57 -12.91
C ALA B 73 30.66 -13.23 -14.15
N SER B 74 29.73 -14.17 -13.96
CA SER B 74 29.11 -14.85 -15.09
C SER B 74 28.36 -13.86 -15.96
N THR B 75 27.58 -12.98 -15.33
CA THR B 75 26.83 -11.97 -16.10
C THR B 75 27.78 -11.10 -16.91
N ALA B 76 28.84 -10.60 -16.28
CA ALA B 76 29.77 -9.73 -16.97
C ALA B 76 30.41 -10.44 -18.15
N ILE B 77 30.96 -11.63 -17.91
CA ILE B 77 31.68 -12.34 -18.97
C ILE B 77 30.75 -12.66 -20.13
N CYS B 78 29.59 -13.26 -19.82
CA CYS B 78 28.68 -13.66 -20.89
C CYS B 78 28.17 -12.45 -21.65
N GLY B 79 27.84 -11.36 -20.95
CA GLY B 79 27.36 -10.17 -21.65
C GLY B 79 28.41 -9.56 -22.55
N MET B 80 29.64 -9.44 -22.07
CA MET B 80 30.68 -8.85 -22.91
C MET B 80 30.95 -9.73 -24.13
N ILE B 81 30.96 -11.05 -23.94
CA ILE B 81 31.21 -11.93 -25.08
C ILE B 81 30.07 -11.84 -26.08
N HIS B 82 28.82 -11.82 -25.60
CA HIS B 82 27.68 -11.68 -26.49
C HIS B 82 27.75 -10.35 -27.24
N SER B 83 28.27 -9.30 -26.60
CA SER B 83 28.45 -8.04 -27.29
C SER B 83 29.48 -8.16 -28.41
N ILE B 84 30.63 -8.78 -28.12
CA ILE B 84 31.72 -8.82 -29.09
C ILE B 84 31.35 -9.70 -30.28
N ILE B 85 30.83 -10.90 -30.02
CA ILE B 85 30.64 -11.90 -31.07
C ILE B 85 29.20 -12.37 -31.17
N GLY B 86 28.25 -11.66 -30.56
CA GLY B 86 26.87 -12.03 -30.65
C GLY B 86 26.23 -11.60 -31.95
N GLY B 87 25.01 -12.10 -32.18
CA GLY B 87 24.28 -11.78 -33.39
C GLY B 87 23.26 -10.69 -33.18
N GLN B 88 22.67 -10.63 -31.98
CA GLN B 88 21.64 -9.64 -31.64
C GLN B 88 22.13 -8.85 -30.44
N PRO B 89 22.87 -7.75 -30.66
CA PRO B 89 23.44 -7.03 -29.52
C PRO B 89 22.39 -6.50 -28.55
N LEU B 90 21.16 -6.23 -29.02
CA LEU B 90 20.14 -5.68 -28.15
C LEU B 90 19.73 -6.66 -27.05
N LEU B 91 20.11 -7.91 -27.16
CA LEU B 91 19.72 -8.91 -26.16
C LEU B 91 20.61 -8.78 -24.92
N ILE B 92 19.98 -8.81 -23.75
CA ILE B 92 20.67 -8.65 -22.48
C ILE B 92 20.85 -10.03 -21.85
N LEU B 93 22.08 -10.34 -21.43
CA LEU B 93 22.42 -11.62 -20.84
C LEU B 93 22.55 -11.48 -19.32
N GLY B 94 22.25 -12.56 -18.61
CA GLY B 94 22.39 -12.56 -17.17
C GLY B 94 21.93 -13.89 -16.61
N VAL B 95 22.11 -14.03 -15.29
CA VAL B 95 21.61 -15.20 -14.58
C VAL B 95 20.16 -14.97 -14.20
N ALA B 96 19.29 -15.90 -14.61
CA ALA B 96 17.85 -15.78 -14.43
C ALA B 96 17.36 -16.75 -13.37
N GLU B 97 16.11 -16.53 -12.95
CA GLU B 97 15.51 -17.36 -11.91
C GLU B 97 15.45 -18.84 -12.28
N PRO B 98 15.04 -19.23 -13.49
CA PRO B 98 15.02 -20.67 -13.80
C PRO B 98 16.38 -21.33 -13.65
N THR B 99 17.45 -20.65 -14.01
CA THR B 99 18.79 -21.19 -13.79
C THR B 99 19.05 -21.40 -12.30
N VAL B 100 18.63 -20.44 -11.48
CA VAL B 100 18.81 -20.58 -10.03
C VAL B 100 18.03 -21.78 -9.51
N ILE B 101 16.82 -21.99 -10.02
CA ILE B 101 16.00 -23.12 -9.59
C ILE B 101 16.67 -24.44 -9.97
N MET B 102 17.17 -24.52 -11.20
CA MET B 102 17.83 -25.75 -11.64
C MET B 102 19.09 -26.01 -10.81
N TYR B 103 19.87 -24.96 -10.51
CA TYR B 103 21.06 -25.15 -9.70
C TYR B 103 20.69 -25.54 -8.27
N THR B 104 19.60 -25.02 -7.73
CA THR B 104 19.14 -25.44 -6.42
C THR B 104 18.77 -26.92 -6.42
N PHE B 105 18.06 -27.36 -7.45
CA PHE B 105 17.74 -28.78 -7.54
C PHE B 105 19.00 -29.63 -7.63
N MET B 106 19.96 -29.19 -8.45
CA MET B 106 21.20 -29.96 -8.62
C MET B 106 21.98 -30.04 -7.30
N PHE B 107 22.07 -28.93 -6.57
CA PHE B 107 22.76 -28.96 -5.29
C PHE B 107 22.03 -29.85 -4.28
N ASN B 108 20.71 -29.76 -4.23
CA ASN B 108 19.95 -30.58 -3.29
C ASN B 108 20.17 -32.06 -3.59
N PHE B 109 20.25 -32.41 -4.87
CA PHE B 109 20.56 -33.80 -5.23
C PHE B 109 21.98 -34.17 -4.83
N ALA B 110 22.95 -33.31 -5.16
CA ALA B 110 24.35 -33.65 -4.94
C ALA B 110 24.66 -33.81 -3.45
N LYS B 111 24.11 -32.93 -2.61
CA LYS B 111 24.43 -32.97 -1.19
C LYS B 111 24.08 -34.33 -0.58
N ALA B 112 22.89 -34.85 -0.90
CA ALA B 112 22.43 -36.09 -0.29
C ALA B 112 23.26 -37.30 -0.69
N ARG B 113 24.07 -37.20 -1.74
CA ARG B 113 24.83 -38.33 -2.22
C ARG B 113 26.25 -38.25 -1.67
N PRO B 114 26.70 -39.20 -0.84
CA PRO B 114 28.07 -39.12 -0.34
C PRO B 114 29.13 -39.22 -1.43
N GLU B 115 28.78 -39.77 -2.60
CA GLU B 115 29.75 -39.87 -3.68
C GLU B 115 30.20 -38.50 -4.17
N LEU B 116 29.25 -37.59 -4.36
CA LEU B 116 29.56 -36.25 -4.86
C LEU B 116 29.77 -35.26 -3.72
N GLY B 117 28.75 -35.08 -2.87
CA GLY B 117 28.87 -34.16 -1.77
C GLY B 117 28.96 -32.72 -2.23
N ARG B 118 29.28 -31.84 -1.27
CA ARG B 118 29.42 -30.42 -1.55
C ARG B 118 30.73 -30.10 -2.26
N ASP B 119 31.74 -30.96 -2.15
CA ASP B 119 33.04 -30.66 -2.74
C ASP B 119 33.05 -30.88 -4.25
N LEU B 120 32.22 -31.80 -4.75
CA LEU B 120 32.16 -32.09 -6.18
C LEU B 120 30.94 -31.48 -6.85
N PHE B 121 30.21 -30.60 -6.15
CA PHE B 121 29.02 -30.01 -6.76
C PHE B 121 29.38 -29.18 -7.97
N LEU B 122 30.44 -28.37 -7.89
CA LEU B 122 30.82 -27.54 -9.02
C LEU B 122 31.32 -28.38 -10.19
N ALA B 123 32.04 -29.47 -9.91
CA ALA B 123 32.48 -30.35 -10.98
C ALA B 123 31.28 -30.99 -11.68
N TRP B 124 30.30 -31.46 -10.90
CA TRP B 124 29.10 -32.03 -11.49
C TRP B 124 28.35 -30.99 -12.31
N SER B 125 28.27 -29.76 -11.80
CA SER B 125 27.61 -28.68 -12.54
C SER B 125 28.34 -28.40 -13.84
N GLY B 126 29.67 -28.45 -13.83
CA GLY B 126 30.42 -28.25 -15.06
C GLY B 126 30.17 -29.35 -16.07
N TRP B 127 30.07 -30.59 -15.61
CA TRP B 127 29.71 -31.67 -16.52
C TRP B 127 28.31 -31.46 -17.10
N VAL B 128 27.38 -31.02 -16.26
CA VAL B 128 26.04 -30.70 -16.73
C VAL B 128 26.09 -29.61 -17.79
N CYS B 129 26.93 -28.60 -17.57
CA CYS B 129 27.06 -27.52 -18.54
C CYS B 129 27.68 -28.01 -19.84
N VAL B 130 28.62 -28.95 -19.77
CA VAL B 130 29.19 -29.53 -20.98
C VAL B 130 28.11 -30.24 -21.78
N TRP B 131 27.29 -31.04 -21.10
CA TRP B 131 26.19 -31.72 -21.79
C TRP B 131 25.22 -30.70 -22.38
N THR B 132 24.90 -29.65 -21.63
CA THR B 132 23.99 -28.64 -22.12
C THR B 132 24.54 -27.95 -23.36
N ALA B 133 25.84 -27.67 -23.37
CA ALA B 133 26.47 -27.08 -24.54
C ALA B 133 26.38 -28.01 -25.74
N LEU B 134 26.58 -29.31 -25.51
CA LEU B 134 26.44 -30.27 -26.61
C LEU B 134 25.02 -30.25 -27.17
N MET B 135 24.02 -30.26 -26.29
CA MET B 135 22.64 -30.27 -26.77
C MET B 135 22.29 -28.96 -27.48
N LEU B 136 22.80 -27.83 -26.98
CA LEU B 136 22.55 -26.56 -27.65
C LEU B 136 23.21 -26.52 -29.03
N PHE B 137 24.42 -27.06 -29.14
CA PHE B 137 25.05 -27.16 -30.46
C PHE B 137 24.23 -28.01 -31.40
N VAL B 138 23.72 -29.14 -30.90
CA VAL B 138 22.89 -30.00 -31.74
C VAL B 138 21.64 -29.26 -32.18
N LEU B 139 21.00 -28.55 -31.26
CA LEU B 139 19.77 -27.83 -31.59
C LEU B 139 20.03 -26.73 -32.63
N ALA B 140 21.12 -25.98 -32.45
CA ALA B 140 21.43 -24.93 -33.42
C ALA B 140 21.76 -25.51 -34.79
N ILE B 141 22.46 -26.65 -34.82
CA ILE B 141 22.83 -27.25 -36.10
C ILE B 141 21.59 -27.81 -36.81
N CYS B 142 20.73 -28.50 -36.06
CA CYS B 142 19.56 -29.15 -36.65
C CYS B 142 18.42 -28.19 -36.93
N GLY B 143 18.67 -26.89 -36.90
CA GLY B 143 17.66 -25.92 -37.31
C GLY B 143 16.38 -25.99 -36.52
N ALA B 144 16.47 -26.20 -35.21
CA ALA B 144 15.27 -26.20 -34.38
C ALA B 144 14.75 -24.80 -34.12
N CYS B 145 15.58 -23.77 -34.30
CA CYS B 145 15.15 -22.40 -34.10
C CYS B 145 14.17 -21.93 -35.17
N SER B 146 14.00 -22.70 -36.26
CA SER B 146 13.07 -22.34 -37.31
C SER B 146 11.61 -22.48 -36.88
N ILE B 147 11.35 -23.07 -35.71
CA ILE B 147 9.97 -23.27 -35.26
C ILE B 147 9.73 -22.49 -33.98
N ILE B 148 10.40 -21.35 -33.82
CA ILE B 148 10.14 -20.49 -32.67
C ILE B 148 8.79 -19.82 -32.76
N ASN B 149 8.21 -19.75 -33.96
CA ASN B 149 6.90 -19.12 -34.11
C ASN B 149 5.81 -19.86 -33.37
N ARG B 150 6.05 -21.10 -32.96
CA ARG B 150 5.06 -21.90 -32.27
C ARG B 150 5.00 -21.62 -30.76
N PHE B 151 5.92 -20.83 -30.22
CA PHE B 151 5.87 -20.44 -28.81
C PHE B 151 4.79 -19.38 -28.66
N THR B 152 3.54 -19.84 -28.66
CA THR B 152 2.40 -18.93 -28.64
C THR B 152 2.35 -18.18 -27.30
N ARG B 153 1.41 -17.23 -27.23
CA ARG B 153 1.31 -16.37 -26.06
C ARG B 153 1.05 -17.18 -24.79
N VAL B 154 0.30 -18.28 -24.92
CA VAL B 154 -0.11 -19.03 -23.73
C VAL B 154 1.10 -19.46 -22.93
N ALA B 155 2.09 -20.04 -23.60
CA ALA B 155 3.28 -20.53 -22.91
C ALA B 155 4.06 -19.39 -22.26
N GLY B 156 4.25 -18.30 -22.99
CA GLY B 156 5.01 -17.19 -22.43
C GLY B 156 4.35 -16.59 -21.20
N GLU B 157 3.03 -16.36 -21.27
CA GLU B 157 2.34 -15.77 -20.13
C GLU B 157 2.33 -16.73 -18.94
N LEU B 158 2.11 -18.02 -19.19
CA LEU B 158 2.14 -18.98 -18.09
C LEU B 158 3.50 -19.02 -17.43
N PHE B 159 4.57 -19.01 -18.22
CA PHE B 159 5.91 -19.01 -17.66
C PHE B 159 6.18 -17.73 -16.87
N GLY B 160 5.71 -16.59 -17.39
CA GLY B 160 5.87 -15.36 -16.64
C GLY B 160 5.19 -15.39 -15.29
N LEU B 161 3.96 -15.89 -15.24
CA LEU B 161 3.26 -15.98 -13.95
C LEU B 161 3.94 -16.99 -13.02
N LEU B 162 4.46 -18.10 -13.57
CA LEU B 162 5.19 -19.04 -12.73
C LEU B 162 6.42 -18.39 -12.11
N ILE B 163 7.17 -17.62 -12.91
CA ILE B 163 8.36 -16.95 -12.39
C ILE B 163 7.96 -15.91 -11.34
N ALA B 164 6.85 -15.20 -11.56
CA ALA B 164 6.39 -14.24 -10.57
C ALA B 164 6.04 -14.92 -9.26
N MET B 165 5.38 -16.09 -9.32
CA MET B 165 5.07 -16.83 -8.11
C MET B 165 6.34 -17.28 -7.40
N LEU B 166 7.34 -17.72 -8.18
CA LEU B 166 8.61 -18.12 -7.57
C LEU B 166 9.27 -16.94 -6.86
N PHE B 167 9.24 -15.76 -7.47
CA PHE B 167 9.78 -14.58 -6.82
C PHE B 167 9.05 -14.27 -5.52
N MET B 168 7.73 -14.34 -5.54
CA MET B 168 6.98 -14.05 -4.32
C MET B 168 7.31 -15.04 -3.22
N GLN B 169 7.40 -16.32 -3.58
CA GLN B 169 7.76 -17.34 -2.61
C GLN B 169 9.15 -17.09 -2.03
N GLN B 170 10.10 -16.69 -2.89
CA GLN B 170 11.44 -16.41 -2.39
C GLN B 170 11.45 -15.23 -1.43
N ALA B 171 10.69 -14.18 -1.75
CA ALA B 171 10.62 -13.04 -0.84
C ALA B 171 10.03 -13.44 0.51
N ILE B 172 8.96 -14.23 0.50
CA ILE B 172 8.36 -14.66 1.77
C ILE B 172 9.32 -15.54 2.55
N LYS B 173 10.03 -16.44 1.87
CA LYS B 173 11.01 -17.29 2.55
C LYS B 173 12.11 -16.45 3.18
N GLY B 174 12.60 -15.44 2.46
CA GLY B 174 13.64 -14.58 3.02
C GLY B 174 13.15 -13.83 4.25
N LEU B 175 11.94 -13.30 4.19
CA LEU B 175 11.41 -12.58 5.34
C LEU B 175 11.22 -13.51 6.53
N VAL B 176 10.77 -14.75 6.28
CA VAL B 176 10.59 -15.70 7.37
C VAL B 176 11.94 -16.08 7.97
N ASP B 177 12.96 -16.25 7.14
CA ASP B 177 14.28 -16.62 7.64
C ASP B 177 14.96 -15.45 8.36
N GLU B 178 14.53 -14.21 8.10
CA GLU B 178 15.11 -13.08 8.83
C GLU B 178 14.84 -13.17 10.33
N PHE B 179 13.89 -14.00 10.76
CA PHE B 179 13.56 -14.17 12.17
C PHE B 179 14.35 -15.28 12.85
N ARG B 180 15.25 -15.94 12.15
CA ARG B 180 15.90 -17.16 12.65
C ARG B 180 17.42 -17.01 12.61
N ILE B 181 18.10 -18.02 13.15
CA ILE B 181 19.56 -18.07 13.17
C ILE B 181 20.05 -18.63 11.84
N PRO B 182 20.93 -17.93 11.11
CA PRO B 182 21.48 -18.49 9.88
C PRO B 182 22.24 -19.79 10.16
N GLU B 183 22.21 -20.68 9.16
CA GLU B 183 22.74 -22.03 9.37
C GLU B 183 24.24 -22.02 9.61
N ARG B 184 24.98 -21.17 8.91
CA ARG B 184 26.44 -21.16 8.95
C ARG B 184 26.98 -19.89 9.57
N GLU B 185 26.36 -19.45 10.66
CA GLU B 185 26.86 -18.35 11.48
C GLU B 185 26.93 -18.81 12.92
N ASN B 186 27.88 -18.23 13.67
CA ASN B 186 28.05 -18.59 15.06
C ASN B 186 26.76 -18.33 15.83
N GLN B 187 26.38 -19.28 16.68
CA GLN B 187 25.13 -19.19 17.43
C GLN B 187 25.29 -18.50 18.78
N LYS B 188 26.51 -18.16 19.19
CA LYS B 188 26.75 -17.49 20.46
C LYS B 188 26.86 -15.98 20.32
N LEU B 189 26.74 -15.43 19.12
CA LEU B 189 26.80 -13.99 18.96
C LEU B 189 25.60 -13.33 19.64
N LYS B 190 25.83 -12.13 20.16
CA LYS B 190 24.76 -11.41 20.84
C LYS B 190 23.60 -11.13 19.90
N GLU B 191 23.89 -10.88 18.63
CA GLU B 191 22.84 -10.52 17.68
C GLU B 191 21.86 -11.65 17.44
N PHE B 192 22.21 -12.89 17.81
CA PHE B 192 21.34 -14.04 17.60
C PHE B 192 20.55 -14.41 18.86
N LEU B 193 20.54 -13.55 19.86
CA LEU B 193 19.67 -13.76 21.01
C LEU B 193 18.22 -13.61 20.56
N PRO B 194 17.29 -14.27 21.25
CA PRO B 194 15.87 -14.20 20.81
C PRO B 194 15.36 -12.78 20.69
N SER B 195 15.74 -11.89 21.61
CA SER B 195 15.30 -10.51 21.52
C SER B 195 15.86 -9.83 20.28
N TRP B 196 17.15 -10.03 20.01
CA TRP B 196 17.75 -9.42 18.83
C TRP B 196 17.25 -10.07 17.55
N ARG B 197 16.95 -11.37 17.58
CA ARG B 197 16.38 -12.01 16.40
C ARG B 197 15.00 -11.42 16.09
N PHE B 198 14.15 -11.25 17.12
CA PHE B 198 12.85 -10.64 16.89
C PHE B 198 13.00 -9.21 16.37
N ALA B 199 13.92 -8.44 16.95
CA ALA B 199 14.13 -7.07 16.49
C ALA B 199 14.61 -7.04 15.04
N ASN B 200 15.53 -7.93 14.68
CA ASN B 200 16.02 -7.99 13.32
C ASN B 200 14.92 -8.35 12.34
N GLY B 201 14.07 -9.31 12.71
CA GLY B 201 12.96 -9.67 11.85
C GLY B 201 11.99 -8.51 11.63
N MET B 202 11.65 -7.80 12.70
CA MET B 202 10.74 -6.67 12.56
C MET B 202 11.36 -5.56 11.71
N PHE B 203 12.65 -5.27 11.91
CA PHE B 203 13.32 -4.27 11.10
C PHE B 203 13.36 -4.70 9.63
N ALA B 204 13.57 -5.99 9.38
CA ALA B 204 13.55 -6.49 8.01
C ALA B 204 12.18 -6.30 7.37
N LEU B 205 11.11 -6.59 8.12
CA LEU B 205 9.78 -6.35 7.60
C LEU B 205 9.59 -4.89 7.22
N VAL B 206 10.00 -3.98 8.11
CA VAL B 206 9.86 -2.56 7.85
C VAL B 206 10.61 -2.19 6.58
N LEU B 207 11.88 -2.57 6.49
CA LEU B 207 12.71 -2.16 5.36
C LEU B 207 12.19 -2.73 4.04
N SER B 208 11.83 -4.02 4.04
CA SER B 208 11.36 -4.65 2.81
C SER B 208 10.08 -4.00 2.33
N PHE B 209 9.12 -3.79 3.22
CA PHE B 209 7.86 -3.22 2.78
C PHE B 209 8.02 -1.76 2.36
N GLY B 210 8.90 -1.01 3.05
CA GLY B 210 9.17 0.35 2.61
C GLY B 210 9.74 0.38 1.20
N LEU B 211 10.75 -0.46 0.94
CA LEU B 211 11.32 -0.53 -0.40
C LEU B 211 10.25 -0.88 -1.42
N LEU B 212 9.46 -1.92 -1.15
CA LEU B 212 8.47 -2.37 -2.12
C LEU B 212 7.46 -1.27 -2.43
N LEU B 213 6.85 -0.69 -1.41
CA LEU B 213 5.81 0.30 -1.64
C LEU B 213 6.37 1.56 -2.30
N THR B 214 7.53 2.03 -1.86
CA THR B 214 8.09 3.24 -2.48
C THR B 214 8.46 3.00 -3.94
N GLY B 215 9.03 1.83 -4.25
CA GLY B 215 9.35 1.53 -5.63
C GLY B 215 8.11 1.45 -6.49
N LEU B 216 7.06 0.78 -5.99
CA LEU B 216 5.83 0.68 -6.77
C LEU B 216 5.23 2.06 -7.02
N ARG B 217 5.24 2.93 -6.01
CA ARG B 217 4.75 4.29 -6.22
C ARG B 217 5.61 5.05 -7.22
N SER B 218 6.94 4.91 -7.13
CA SER B 218 7.82 5.69 -7.98
C SER B 218 7.83 5.21 -9.42
N ARG B 219 7.37 3.98 -9.68
CA ARG B 219 7.37 3.48 -11.05
C ARG B 219 6.58 4.38 -11.99
N LYS B 220 5.61 5.14 -11.47
CA LYS B 220 4.69 5.93 -12.28
C LYS B 220 4.86 7.42 -12.05
N ALA B 221 6.11 7.90 -12.01
CA ALA B 221 6.37 9.31 -11.79
C ALA B 221 6.06 10.16 -13.02
N ARG B 222 6.29 9.64 -14.23
CA ARG B 222 6.06 10.45 -15.41
C ARG B 222 4.58 10.76 -15.62
N SER B 223 3.69 10.08 -14.90
CA SER B 223 2.27 10.41 -14.88
C SER B 223 1.88 11.31 -13.71
N TRP B 224 2.86 11.75 -12.92
CA TRP B 224 2.58 12.68 -11.83
C TRP B 224 2.35 14.08 -12.39
N ARG B 225 2.25 15.06 -11.49
CA ARG B 225 1.99 16.44 -11.87
C ARG B 225 3.01 17.43 -11.29
N TYR B 226 3.82 17.02 -10.32
CA TYR B 226 4.75 17.91 -9.65
C TYR B 226 6.17 17.71 -10.17
N GLY B 227 6.95 18.80 -10.17
CA GLY B 227 8.35 18.73 -10.50
C GLY B 227 8.63 18.94 -11.98
N THR B 228 9.91 19.11 -12.28
CA THR B 228 10.36 19.38 -13.63
C THR B 228 10.27 18.12 -14.49
N GLY B 229 10.41 18.30 -15.81
CA GLY B 229 10.41 17.16 -16.71
C GLY B 229 11.59 16.25 -16.50
N TRP B 230 12.79 16.83 -16.36
CA TRP B 230 13.98 16.01 -16.18
C TRP B 230 13.93 15.26 -14.85
N LEU B 231 13.43 15.90 -13.79
CA LEU B 231 13.31 15.22 -12.51
C LEU B 231 12.27 14.09 -12.59
N ARG B 232 11.14 14.32 -13.24
CA ARG B 232 10.13 13.28 -13.35
C ARG B 232 10.64 12.10 -14.16
N SER B 233 11.34 12.37 -15.25
CA SER B 233 11.95 11.29 -16.03
C SER B 233 12.96 10.53 -15.19
N LEU B 234 13.79 11.24 -14.43
CA LEU B 234 14.78 10.58 -13.60
C LEU B 234 14.12 9.69 -12.56
N ILE B 235 13.03 10.15 -11.95
CA ILE B 235 12.34 9.30 -10.98
C ILE B 235 11.77 8.07 -11.68
N ALA B 236 11.04 8.27 -12.77
CA ALA B 236 10.41 7.15 -13.45
C ALA B 236 11.44 6.13 -13.93
N ASP B 237 12.69 6.56 -14.18
CA ASP B 237 13.70 5.64 -14.66
C ASP B 237 14.52 4.99 -13.54
N TYR B 238 14.84 5.73 -12.48
CA TYR B 238 15.78 5.28 -11.45
C TYR B 238 15.14 5.23 -10.08
N GLY B 239 13.82 5.08 -9.99
CA GLY B 239 13.20 4.94 -8.68
C GLY B 239 13.67 3.71 -7.93
N VAL B 240 14.08 2.68 -8.65
CA VAL B 240 14.56 1.44 -8.04
C VAL B 240 15.88 1.67 -7.32
N PRO B 241 16.97 2.01 -8.03
CA PRO B 241 18.24 2.22 -7.31
C PRO B 241 18.16 3.32 -6.28
N LEU B 242 17.39 4.37 -6.54
CA LEU B 242 17.25 5.45 -5.56
C LEU B 242 16.62 4.94 -4.28
N MET B 243 15.56 4.11 -4.40
CA MET B 243 14.92 3.59 -3.21
C MET B 243 15.82 2.59 -2.49
N VAL B 244 16.58 1.79 -3.25
CA VAL B 244 17.52 0.86 -2.62
C VAL B 244 18.52 1.63 -1.78
N LEU B 245 19.08 2.70 -2.33
CA LEU B 245 20.04 3.52 -1.60
C LEU B 245 19.37 4.17 -0.38
N VAL B 246 18.16 4.69 -0.56
CA VAL B 246 17.49 5.39 0.53
C VAL B 246 17.23 4.45 1.69
N TRP B 247 16.75 3.25 1.41
CA TRP B 247 16.45 2.31 2.48
C TRP B 247 17.69 1.66 3.07
N THR B 248 18.79 1.57 2.32
CA THR B 248 20.06 1.23 2.95
C THR B 248 20.47 2.29 3.97
N GLY B 249 20.43 3.56 3.55
CA GLY B 249 20.73 4.64 4.47
C GLY B 249 19.84 4.63 5.69
N VAL B 250 18.55 4.33 5.49
CA VAL B 250 17.62 4.20 6.61
C VAL B 250 18.06 3.06 7.52
N SER B 251 18.44 1.93 6.94
CA SER B 251 18.90 0.80 7.74
C SER B 251 20.12 1.15 8.56
N TYR B 252 20.90 2.15 8.15
CA TYR B 252 22.06 2.56 8.92
C TYR B 252 21.75 3.54 10.05
N ILE B 253 20.49 3.99 10.19
CA ILE B 253 20.18 5.04 11.16
C ILE B 253 20.45 4.60 12.59
N PRO B 254 19.96 3.45 13.07
CA PRO B 254 20.16 3.08 14.48
C PRO B 254 21.44 2.31 14.74
N ALA B 255 22.38 2.36 13.78
CA ALA B 255 23.56 1.51 13.85
C ALA B 255 24.30 1.65 15.18
N GLY B 256 24.32 2.86 15.74
CA GLY B 256 25.09 3.11 16.95
C GLY B 256 24.50 2.50 18.20
N ASP B 257 23.22 2.17 18.18
CA ASP B 257 22.53 1.65 19.36
C ASP B 257 22.26 0.15 19.30
N VAL B 258 22.73 -0.53 18.26
CA VAL B 258 22.40 -1.94 18.06
C VAL B 258 23.67 -2.74 17.76
N PRO B 259 23.65 -4.06 17.93
CA PRO B 259 24.83 -4.87 17.60
C PRO B 259 25.24 -4.75 16.14
N LYS B 260 26.37 -5.38 15.79
CA LYS B 260 26.93 -5.21 14.46
C LYS B 260 26.04 -5.82 13.39
N GLY B 261 25.48 -6.99 13.65
CA GLY B 261 24.69 -7.69 12.64
C GLY B 261 23.20 -7.39 12.73
N ILE B 262 22.85 -6.13 12.99
CA ILE B 262 21.44 -5.71 13.04
C ILE B 262 21.29 -4.43 12.24
N PRO B 263 20.62 -4.45 11.08
CA PRO B 263 20.01 -5.60 10.40
C PRO B 263 21.04 -6.47 9.71
N ARG B 264 20.67 -7.67 9.28
CA ARG B 264 21.58 -8.51 8.53
C ARG B 264 21.89 -7.89 7.18
N ARG B 265 23.11 -8.13 6.68
CA ARG B 265 23.55 -7.60 5.41
C ARG B 265 24.11 -8.75 4.57
N LEU B 266 24.49 -8.43 3.34
CA LEU B 266 24.85 -9.47 2.38
C LEU B 266 25.94 -10.38 2.94
N PHE B 267 25.64 -11.67 2.97
CA PHE B 267 26.59 -12.68 3.42
C PHE B 267 27.68 -12.95 2.40
N SER B 268 27.55 -12.44 1.18
CA SER B 268 28.51 -12.75 0.13
C SER B 268 29.90 -12.27 0.55
N PRO B 269 30.95 -13.06 0.32
CA PRO B 269 32.28 -12.66 0.77
C PRO B 269 32.91 -11.63 -0.15
N ASN B 270 34.12 -11.22 0.22
CA ASN B 270 34.89 -10.27 -0.58
C ASN B 270 35.87 -11.00 -1.50
N THR B 281 38.60 -22.06 -12.56
CA THR B 281 38.64 -23.37 -13.23
C THR B 281 38.39 -24.49 -12.23
N VAL B 282 37.63 -25.50 -12.67
CA VAL B 282 37.32 -26.66 -11.83
C VAL B 282 37.60 -27.94 -12.59
N VAL B 283 38.37 -27.85 -13.67
CA VAL B 283 38.60 -29.01 -14.53
C VAL B 283 39.30 -30.13 -13.76
N LYS B 284 40.16 -29.78 -12.80
CA LYS B 284 40.88 -30.81 -12.07
C LYS B 284 39.92 -31.67 -11.26
N GLU B 285 38.91 -31.06 -10.65
CA GLU B 285 37.89 -31.83 -9.93
C GLU B 285 36.93 -32.54 -10.87
N MET B 286 36.82 -32.10 -12.12
CA MET B 286 35.93 -32.76 -13.06
C MET B 286 36.34 -34.20 -13.29
N LEU B 287 37.64 -34.46 -13.43
CA LEU B 287 38.10 -35.82 -13.65
C LEU B 287 37.82 -36.72 -12.46
N ASP B 288 37.58 -36.15 -11.28
CA ASP B 288 37.33 -36.93 -10.08
C ASP B 288 35.87 -37.33 -9.91
N VAL B 289 34.97 -36.81 -10.75
CA VAL B 289 33.56 -37.19 -10.64
C VAL B 289 33.39 -38.62 -11.16
N PRO B 290 32.65 -39.49 -10.46
CA PRO B 290 32.47 -40.85 -10.97
C PRO B 290 31.80 -40.83 -12.35
N ILE B 291 32.21 -41.77 -13.19
CA ILE B 291 31.75 -41.78 -14.57
C ILE B 291 30.22 -41.86 -14.62
N VAL B 292 29.63 -42.63 -13.72
CA VAL B 292 28.17 -42.81 -13.75
C VAL B 292 27.46 -41.48 -13.61
N TYR B 293 27.98 -40.58 -12.78
CA TYR B 293 27.36 -39.27 -12.63
C TYR B 293 27.64 -38.38 -13.84
N ILE B 294 28.78 -38.58 -14.51
CA ILE B 294 29.02 -37.87 -15.76
C ILE B 294 27.96 -38.25 -16.78
N ILE B 295 27.58 -39.52 -16.82
CA ILE B 295 26.47 -39.92 -17.70
C ILE B 295 25.16 -39.32 -17.20
N GLY B 296 24.90 -39.44 -15.91
CA GLY B 296 23.63 -38.98 -15.36
C GLY B 296 23.41 -37.49 -15.49
N ALA B 297 24.47 -36.71 -15.72
CA ALA B 297 24.32 -35.28 -15.95
C ALA B 297 23.45 -34.98 -17.18
N PHE B 298 23.10 -35.99 -17.97
CA PHE B 298 22.30 -35.78 -19.16
C PHE B 298 20.94 -35.16 -18.84
N ILE B 299 20.33 -35.56 -17.72
CA ILE B 299 18.96 -35.17 -17.39
C ILE B 299 18.88 -33.67 -17.14
N PRO B 300 19.52 -33.15 -16.10
CA PRO B 300 19.47 -31.70 -15.89
C PRO B 300 20.02 -30.92 -17.05
N ALA B 301 21.00 -31.47 -17.77
CA ALA B 301 21.50 -30.80 -18.96
C ALA B 301 20.41 -30.65 -20.01
N SER B 302 19.65 -31.72 -20.25
CA SER B 302 18.56 -31.64 -21.23
C SER B 302 17.50 -30.64 -20.78
N MET B 303 17.14 -30.66 -19.51
CA MET B 303 16.12 -29.72 -19.03
C MET B 303 16.60 -28.27 -19.16
N ILE B 304 17.86 -28.01 -18.81
CA ILE B 304 18.42 -26.66 -18.95
C ILE B 304 18.45 -26.25 -20.42
N ALA B 305 18.79 -27.19 -21.30
CA ALA B 305 18.78 -26.89 -22.73
C ALA B 305 17.38 -26.47 -23.18
N VAL B 306 16.35 -27.18 -22.69
CA VAL B 306 14.98 -26.80 -23.02
C VAL B 306 14.69 -25.39 -22.52
N LEU B 307 15.03 -25.11 -21.26
CA LEU B 307 14.74 -23.80 -20.70
C LEU B 307 15.41 -22.69 -21.52
N TYR B 308 16.68 -22.90 -21.89
CA TYR B 308 17.40 -21.87 -22.64
C TYR B 308 16.84 -21.72 -24.05
N TYR B 309 16.56 -22.85 -24.72
CA TYR B 309 15.98 -22.78 -26.06
C TYR B 309 14.68 -22.00 -26.05
N PHE B 310 13.90 -22.12 -24.97
CA PHE B 310 12.71 -21.29 -24.84
C PHE B 310 13.08 -19.83 -24.63
N ASP B 311 13.82 -19.53 -23.56
CA ASP B 311 13.92 -18.17 -23.07
C ASP B 311 14.75 -17.28 -24.01
N HIS B 312 15.87 -17.79 -24.53
CA HIS B 312 16.68 -16.98 -25.42
C HIS B 312 15.87 -16.58 -26.65
N SER B 313 15.16 -17.53 -27.25
CA SER B 313 14.34 -17.23 -28.42
C SER B 313 13.27 -16.22 -28.09
N VAL B 314 12.57 -16.40 -26.96
CA VAL B 314 11.49 -15.49 -26.62
C VAL B 314 12.03 -14.09 -26.37
N ALA B 315 13.15 -13.98 -25.67
CA ALA B 315 13.72 -12.66 -25.38
C ALA B 315 14.19 -11.97 -26.65
N SER B 316 14.81 -12.72 -27.56
CA SER B 316 15.21 -12.12 -28.83
C SER B 316 13.98 -11.65 -29.61
N GLN B 317 12.92 -12.45 -29.63
CA GLN B 317 11.69 -12.03 -30.29
C GLN B 317 11.16 -10.75 -29.70
N LEU B 318 11.11 -10.67 -28.36
CA LEU B 318 10.58 -9.48 -27.71
C LEU B 318 11.43 -8.25 -28.02
N ALA B 319 12.75 -8.42 -28.03
CA ALA B 319 13.64 -7.31 -28.39
C ALA B 319 13.53 -6.95 -29.87
N GLN B 320 13.00 -7.85 -30.70
CA GLN B 320 12.89 -7.62 -32.14
C GLN B 320 11.43 -7.53 -32.58
N GLN B 321 10.61 -6.83 -31.79
CA GLN B 321 9.24 -6.57 -32.20
C GLN B 321 9.23 -5.72 -33.48
N LYS B 322 8.27 -6.01 -34.36
CA LYS B 322 8.23 -5.30 -35.64
C LYS B 322 7.95 -3.81 -35.45
N GLU B 323 7.27 -3.44 -34.37
CA GLU B 323 6.94 -2.03 -34.17
C GLU B 323 8.18 -1.17 -34.01
N PHE B 324 9.33 -1.78 -33.71
CA PHE B 324 10.57 -1.03 -33.61
C PHE B 324 11.19 -0.69 -34.97
N ASN B 325 10.71 -1.32 -36.05
CA ASN B 325 11.16 -0.99 -37.40
C ASN B 325 12.68 -1.18 -37.53
N LEU B 326 13.18 -2.26 -36.94
CA LEU B 326 14.62 -2.51 -36.99
C LEU B 326 15.05 -2.86 -38.41
N ARG B 327 16.19 -2.31 -38.82
CA ARG B 327 16.70 -2.44 -40.18
C ARG B 327 17.72 -3.57 -40.31
N LYS B 328 17.89 -4.40 -39.29
CA LYS B 328 18.88 -5.46 -39.31
C LYS B 328 18.21 -6.79 -38.97
N PRO B 329 18.76 -7.90 -39.46
CA PRO B 329 18.07 -9.20 -39.37
C PRO B 329 18.24 -9.82 -37.99
N SER B 330 17.66 -11.01 -37.84
CA SER B 330 17.74 -11.80 -36.62
C SER B 330 18.78 -12.90 -36.75
N SER B 331 19.28 -13.36 -35.60
CA SER B 331 20.35 -14.33 -35.53
C SER B 331 20.03 -15.41 -34.49
N TYR B 332 18.83 -15.99 -34.59
CA TYR B 332 18.39 -16.97 -33.60
C TYR B 332 19.35 -18.15 -33.52
N HIS B 333 19.70 -18.73 -34.67
CA HIS B 333 20.54 -19.92 -34.68
C HIS B 333 21.95 -19.61 -34.18
N TYR B 334 22.55 -18.53 -34.69
CA TYR B 334 23.89 -18.15 -34.26
C TYR B 334 23.89 -17.77 -32.79
N ASP B 335 22.83 -17.11 -32.33
CA ASP B 335 22.73 -16.77 -30.91
C ASP B 335 22.64 -18.03 -30.06
N LEU B 336 21.90 -19.04 -30.50
CA LEU B 336 21.82 -20.28 -29.75
C LEU B 336 23.18 -21.00 -29.71
N LEU B 337 23.89 -21.01 -30.83
CA LEU B 337 25.22 -21.61 -30.83
C LEU B 337 26.16 -20.89 -29.87
N LEU B 338 26.13 -19.56 -29.89
CA LEU B 338 26.97 -18.80 -28.98
C LEU B 338 26.56 -19.04 -27.53
N LEU B 339 25.27 -19.22 -27.27
CA LEU B 339 24.81 -19.54 -25.92
C LEU B 339 25.35 -20.89 -25.48
N GLY B 340 25.38 -21.87 -26.39
CA GLY B 340 25.96 -23.16 -26.06
C GLY B 340 27.43 -23.03 -25.67
N PHE B 341 28.18 -22.25 -26.45
CA PHE B 341 29.60 -22.05 -26.12
C PHE B 341 29.75 -21.35 -24.77
N LEU B 342 28.92 -20.34 -24.52
CA LEU B 342 28.99 -19.63 -23.24
C LEU B 342 28.64 -20.53 -22.08
N THR B 343 27.65 -21.42 -22.27
CA THR B 343 27.30 -22.37 -21.24
C THR B 343 28.47 -23.30 -20.94
N LEU B 344 29.15 -23.78 -21.99
CA LEU B 344 30.32 -24.62 -21.77
C LEU B 344 31.38 -23.88 -20.95
N MET B 345 31.65 -22.63 -21.32
CA MET B 345 32.72 -21.90 -20.63
C MET B 345 32.33 -21.58 -19.19
N CYS B 346 31.07 -21.22 -18.95
CA CYS B 346 30.64 -20.97 -17.57
C CYS B 346 30.72 -22.25 -16.74
N GLY B 347 30.37 -23.39 -17.33
CA GLY B 347 30.56 -24.65 -16.64
C GLY B 347 32.00 -24.91 -16.28
N LEU B 348 32.91 -24.63 -17.21
CA LEU B 348 34.33 -24.83 -16.92
C LEU B 348 34.81 -23.90 -15.81
N LEU B 349 34.36 -22.64 -15.83
CA LEU B 349 34.80 -21.66 -14.84
C LEU B 349 34.12 -21.81 -13.50
N GLY B 350 33.18 -22.75 -13.36
CA GLY B 350 32.51 -22.95 -12.09
C GLY B 350 31.54 -21.85 -11.71
N VAL B 351 30.80 -21.31 -12.67
CA VAL B 351 29.79 -20.29 -12.39
C VAL B 351 28.50 -20.69 -13.09
N PRO B 352 27.33 -20.29 -12.59
CA PRO B 352 26.09 -20.60 -13.30
C PRO B 352 26.07 -19.93 -14.65
N PRO B 353 25.48 -20.59 -15.66
CA PRO B 353 25.40 -19.95 -16.98
C PRO B 353 24.38 -18.84 -17.02
N SER B 354 24.48 -18.03 -18.06
CA SER B 354 23.58 -16.91 -18.30
C SER B 354 22.77 -17.14 -19.56
N ASN B 355 21.61 -16.49 -19.63
CA ASN B 355 20.75 -16.53 -20.82
C ASN B 355 20.08 -15.18 -20.97
N GLY B 356 19.46 -14.99 -22.14
CA GLY B 356 18.69 -13.76 -22.35
C GLY B 356 17.64 -13.59 -21.26
N VAL B 357 17.39 -12.34 -20.90
CA VAL B 357 16.54 -12.02 -19.76
C VAL B 357 15.41 -11.11 -20.19
N ILE B 358 14.34 -11.11 -19.38
CA ILE B 358 13.15 -10.31 -19.64
C ILE B 358 12.82 -9.57 -18.34
N PRO B 359 12.31 -8.33 -18.40
CA PRO B 359 12.08 -7.49 -19.58
C PRO B 359 13.28 -6.60 -19.87
N GLN B 360 14.48 -7.05 -19.49
CA GLN B 360 15.68 -6.25 -19.69
C GLN B 360 15.92 -5.97 -21.17
N SER B 361 15.74 -6.97 -22.02
CA SER B 361 15.94 -6.76 -23.45
C SER B 361 14.94 -5.77 -24.03
N PRO B 362 13.63 -5.91 -23.81
CA PRO B 362 12.71 -4.87 -24.32
C PRO B 362 12.98 -3.50 -23.73
N MET B 363 13.41 -3.42 -22.47
CA MET B 363 13.74 -2.11 -21.90
C MET B 363 14.96 -1.51 -22.60
N HIS B 364 15.98 -2.32 -22.88
CA HIS B 364 17.13 -1.83 -23.63
C HIS B 364 16.70 -1.33 -25.00
N THR B 365 15.84 -2.10 -25.68
CA THR B 365 15.39 -1.69 -27.01
C THR B 365 14.63 -0.37 -26.95
N LYS B 366 13.71 -0.23 -25.99
CA LYS B 366 12.95 1.01 -25.89
C LYS B 366 13.84 2.19 -25.53
N SER B 367 14.83 1.96 -24.66
CA SER B 367 15.75 3.03 -24.28
C SER B 367 16.57 3.50 -25.47
N LEU B 368 16.99 2.56 -26.32
CA LEU B 368 17.75 2.90 -27.51
C LEU B 368 16.90 3.57 -28.59
N ALA B 369 15.58 3.64 -28.39
CA ALA B 369 14.69 4.29 -29.34
C ALA B 369 14.68 5.80 -29.14
N VAL B 460 15.48 3.66 -33.87
CA VAL B 460 16.26 2.90 -32.91
C VAL B 460 17.74 3.02 -33.25
N LYS B 461 18.58 3.12 -32.22
CA LYS B 461 20.03 3.24 -32.38
C LYS B 461 20.65 1.91 -31.99
N GLU B 462 20.83 1.04 -32.99
CA GLU B 462 21.34 -0.30 -32.76
C GLU B 462 22.86 -0.31 -32.81
N GLN B 463 23.48 -0.84 -31.75
CA GLN B 463 24.92 -0.90 -31.67
C GLN B 463 25.30 -1.95 -30.63
N ARG B 464 26.58 -2.32 -30.64
CA ARG B 464 27.12 -3.29 -29.69
C ARG B 464 27.79 -2.62 -28.50
N VAL B 465 27.66 -1.30 -28.36
CA VAL B 465 28.40 -0.55 -27.36
C VAL B 465 27.66 -0.51 -26.03
N SER B 466 26.36 -0.24 -26.05
CA SER B 466 25.61 -0.07 -24.80
C SER B 466 25.66 -1.35 -23.97
N ASN B 467 25.41 -2.50 -24.60
CA ASN B 467 25.47 -3.76 -23.88
C ASN B 467 26.86 -4.05 -23.36
N LEU B 468 27.89 -3.79 -24.17
CA LEU B 468 29.25 -4.04 -23.73
C LEU B 468 29.57 -3.22 -22.49
N LEU B 469 29.20 -1.93 -22.50
CA LEU B 469 29.50 -1.08 -21.36
C LEU B 469 28.70 -1.50 -20.13
N GLN B 470 27.41 -1.84 -20.30
CA GLN B 470 26.62 -2.23 -19.14
C GLN B 470 27.14 -3.51 -18.53
N SER B 471 27.57 -4.46 -19.36
CA SER B 471 28.15 -5.70 -18.85
C SER B 471 29.49 -5.44 -18.17
N THR B 472 30.28 -4.51 -18.72
CA THR B 472 31.53 -4.14 -18.07
C THR B 472 31.27 -3.56 -16.69
N MET B 473 30.21 -2.76 -16.55
CA MET B 473 29.89 -2.18 -15.25
C MET B 473 29.39 -3.25 -14.29
N VAL B 474 28.56 -4.19 -14.78
CA VAL B 474 28.10 -5.27 -13.91
C VAL B 474 29.29 -6.08 -13.42
N GLY B 475 30.29 -6.28 -14.28
CA GLY B 475 31.51 -6.96 -13.84
C GLY B 475 32.29 -6.14 -12.83
N GLY B 476 32.45 -4.83 -13.09
CA GLY B 476 33.15 -3.96 -12.16
C GLY B 476 32.48 -3.89 -10.81
N CYS B 477 31.19 -4.19 -10.74
CA CYS B 477 30.52 -4.25 -9.44
C CYS B 477 31.20 -5.24 -8.51
N VAL B 478 31.89 -6.24 -9.07
CA VAL B 478 32.61 -7.20 -8.25
C VAL B 478 33.72 -6.52 -7.48
N ALA B 479 34.45 -5.61 -8.14
CA ALA B 479 35.52 -4.88 -7.47
C ALA B 479 35.00 -3.96 -6.38
N ALA B 480 33.69 -3.70 -6.33
CA ALA B 480 33.08 -2.89 -5.28
C ALA B 480 32.28 -3.73 -4.29
N MET B 481 32.64 -5.00 -4.11
CA MET B 481 31.92 -5.85 -3.18
C MET B 481 31.84 -5.27 -1.78
N PRO B 482 32.87 -4.61 -1.24
CA PRO B 482 32.69 -3.97 0.07
C PRO B 482 31.56 -2.95 0.09
N ILE B 483 31.31 -2.27 -1.04
CA ILE B 483 30.19 -1.35 -1.11
C ILE B 483 28.87 -2.11 -1.18
N LEU B 484 28.82 -3.19 -1.96
CA LEU B 484 27.59 -3.97 -2.07
C LEU B 484 27.24 -4.69 -0.77
N LYS B 485 28.22 -4.94 0.10
CA LYS B 485 27.96 -5.60 1.36
C LYS B 485 27.38 -4.65 2.41
N MET B 486 27.05 -3.42 2.04
CA MET B 486 26.31 -2.51 2.89
C MET B 486 24.80 -2.65 2.72
N ILE B 487 24.35 -3.47 1.78
CA ILE B 487 22.92 -3.58 1.49
C ILE B 487 22.31 -4.64 2.41
N PRO B 488 21.23 -4.33 3.13
CA PRO B 488 20.55 -5.37 3.90
C PRO B 488 19.83 -6.36 2.98
N THR B 489 19.68 -7.59 3.48
CA THR B 489 19.01 -8.62 2.71
C THR B 489 17.50 -8.41 2.65
N SER B 490 16.93 -7.72 3.65
CA SER B 490 15.50 -7.42 3.60
C SER B 490 15.17 -6.56 2.40
N VAL B 491 16.06 -5.66 2.02
CA VAL B 491 15.86 -4.88 0.80
C VAL B 491 15.81 -5.80 -0.42
N LEU B 492 16.62 -6.85 -0.42
CA LEU B 492 16.60 -7.79 -1.54
C LEU B 492 15.32 -8.60 -1.58
N TRP B 493 14.79 -8.98 -0.41
CA TRP B 493 13.49 -9.66 -0.40
C TRP B 493 12.39 -8.74 -0.90
N GLY B 494 12.43 -7.47 -0.49
CA GLY B 494 11.49 -6.51 -1.02
C GLY B 494 11.61 -6.37 -2.53
N TYR B 495 12.84 -6.44 -3.04
CA TYR B 495 13.04 -6.41 -4.49
C TYR B 495 12.47 -7.64 -5.18
N PHE B 496 12.62 -8.80 -4.56
CA PHE B 496 11.99 -10.00 -5.13
C PHE B 496 10.49 -9.82 -5.25
N ALA B 497 9.86 -9.30 -4.19
CA ALA B 497 8.43 -9.02 -4.26
C ALA B 497 8.12 -7.98 -5.32
N PHE B 498 8.97 -6.97 -5.46
CA PHE B 498 8.76 -5.92 -6.46
C PHE B 498 8.77 -6.50 -7.87
N MET B 499 9.74 -7.35 -8.18
CA MET B 499 9.79 -7.99 -9.49
C MET B 499 8.56 -8.86 -9.71
N ALA B 500 8.19 -9.65 -8.69
CA ALA B 500 7.00 -10.49 -8.80
C ALA B 500 5.78 -9.66 -9.18
N ILE B 501 5.57 -8.55 -8.46
CA ILE B 501 4.40 -7.72 -8.71
C ILE B 501 4.49 -7.02 -10.06
N GLU B 502 5.70 -6.63 -10.48
CA GLU B 502 5.86 -5.90 -11.74
C GLU B 502 5.85 -6.80 -12.97
N SER B 503 5.88 -8.12 -12.79
CA SER B 503 5.75 -9.00 -13.95
C SER B 503 4.33 -9.05 -14.49
N LEU B 504 3.35 -8.56 -13.74
CA LEU B 504 1.93 -8.79 -14.02
C LEU B 504 1.32 -7.86 -15.06
N PRO B 505 1.61 -6.55 -15.04
CA PRO B 505 0.80 -5.59 -15.82
C PRO B 505 0.46 -6.02 -17.25
N GLY B 506 1.47 -6.34 -18.05
CA GLY B 506 1.24 -6.68 -19.44
C GLY B 506 0.83 -8.10 -19.72
N ASN B 507 0.48 -8.88 -18.69
CA ASN B 507 0.17 -10.29 -18.85
C ASN B 507 -1.33 -10.46 -19.04
N GLN B 508 -1.72 -11.12 -20.13
CA GLN B 508 -3.14 -11.36 -20.39
C GLN B 508 -3.69 -12.47 -19.52
N PHE B 509 -2.85 -13.44 -19.13
CA PHE B 509 -3.29 -14.50 -18.23
C PHE B 509 -3.72 -13.91 -16.89
N TRP B 510 -2.95 -12.97 -16.35
CA TRP B 510 -3.32 -12.33 -15.10
C TRP B 510 -4.62 -11.55 -15.25
N GLU B 511 -4.79 -10.85 -16.36
CA GLU B 511 -6.03 -10.11 -16.59
C GLU B 511 -7.23 -11.04 -16.66
N ARG B 512 -7.08 -12.19 -17.32
CA ARG B 512 -8.18 -13.13 -17.41
C ARG B 512 -8.49 -13.74 -16.03
N ILE B 513 -7.46 -13.98 -15.22
CA ILE B 513 -7.70 -14.42 -13.85
C ILE B 513 -8.52 -13.37 -13.10
N LEU B 514 -8.13 -12.10 -13.23
CA LEU B 514 -8.87 -11.03 -12.56
C LEU B 514 -10.31 -10.97 -13.04
N LEU B 515 -10.54 -11.14 -14.34
CA LEU B 515 -11.90 -11.20 -14.85
C LEU B 515 -12.66 -12.36 -14.22
N LEU B 516 -12.01 -13.52 -14.09
CA LEU B 516 -12.63 -14.65 -13.41
C LEU B 516 -13.09 -14.23 -12.01
N PHE B 517 -12.23 -13.54 -11.27
CA PHE B 517 -12.53 -13.14 -9.91
C PHE B 517 -13.31 -11.84 -9.82
N THR B 518 -13.91 -11.40 -10.92
CA THR B 518 -14.80 -10.24 -10.91
C THR B 518 -16.25 -10.69 -10.84
N ALA B 519 -17.05 -9.95 -10.08
CA ALA B 519 -18.45 -10.31 -9.92
C ALA B 519 -19.20 -10.11 -11.23
N PRO B 520 -20.22 -10.93 -11.50
CA PRO B 520 -20.89 -10.85 -12.82
C PRO B 520 -21.44 -9.47 -13.14
N SER B 521 -21.96 -8.76 -12.15
CA SER B 521 -22.58 -7.46 -12.35
C SER B 521 -21.57 -6.31 -12.40
N ARG B 522 -20.30 -6.62 -12.66
CA ARG B 522 -19.24 -5.63 -12.55
C ARG B 522 -18.35 -5.55 -13.78
N ARG B 523 -18.60 -6.37 -14.81
CA ARG B 523 -17.77 -6.36 -16.00
C ARG B 523 -17.86 -5.04 -16.77
N PHE B 524 -18.87 -4.22 -16.51
CA PHE B 524 -18.94 -2.90 -17.13
C PHE B 524 -17.77 -2.02 -16.67
N LYS B 525 -17.41 -2.13 -15.39
CA LYS B 525 -16.21 -1.43 -14.92
C LYS B 525 -14.99 -1.87 -15.70
N VAL B 526 -14.88 -3.17 -15.99
CA VAL B 526 -13.78 -3.67 -16.80
C VAL B 526 -13.81 -3.05 -18.19
N LEU B 527 -15.00 -3.03 -18.80
CA LEU B 527 -15.15 -2.42 -20.12
C LEU B 527 -14.91 -0.92 -20.11
N GLU B 528 -15.27 -0.23 -19.00
CA GLU B 528 -15.12 1.21 -18.94
C GLU B 528 -13.71 1.67 -19.26
N ASP B 529 -12.70 0.94 -18.80
CA ASP B 529 -11.30 1.31 -18.97
C ASP B 529 -10.69 0.49 -20.11
N TYR B 530 -9.39 0.65 -20.31
CA TYR B 530 -8.69 -0.09 -21.34
C TYR B 530 -8.75 -1.58 -21.07
N HIS B 531 -8.91 -2.36 -22.14
CA HIS B 531 -9.06 -3.81 -22.02
C HIS B 531 -8.65 -4.45 -23.33
N ALA B 532 -8.69 -5.78 -23.35
CA ALA B 532 -8.32 -6.55 -24.53
C ALA B 532 -9.53 -6.79 -25.43
N THR B 533 -9.25 -7.29 -26.63
CA THR B 533 -10.30 -7.51 -27.61
C THR B 533 -11.12 -8.76 -27.29
N PHE B 534 -10.50 -9.78 -26.70
CA PHE B 534 -11.23 -11.02 -26.42
C PHE B 534 -12.33 -10.80 -25.40
N VAL B 535 -12.31 -9.70 -24.65
CA VAL B 535 -13.38 -9.42 -23.71
C VAL B 535 -14.68 -9.17 -24.46
N GLU B 536 -14.61 -8.46 -25.59
CA GLU B 536 -15.79 -8.13 -26.38
C GLU B 536 -16.09 -9.18 -27.44
N THR B 537 -15.05 -9.69 -28.12
CA THR B 537 -15.26 -10.61 -29.24
C THR B 537 -15.53 -12.05 -28.80
N VAL B 538 -15.24 -12.41 -27.56
CA VAL B 538 -15.37 -13.79 -27.11
C VAL B 538 -16.41 -13.87 -25.99
N PRO B 539 -17.27 -14.89 -25.95
CA PRO B 539 -18.19 -15.03 -24.82
C PRO B 539 -17.43 -15.26 -23.53
N PHE B 540 -18.03 -14.83 -22.42
CA PHE B 540 -17.34 -14.95 -21.13
C PHE B 540 -17.10 -16.40 -20.74
N LYS B 541 -18.04 -17.30 -21.03
CA LYS B 541 -17.88 -18.69 -20.59
C LYS B 541 -16.65 -19.33 -21.22
N THR B 542 -16.39 -19.06 -22.50
CA THR B 542 -15.19 -19.57 -23.13
C THR B 542 -13.94 -19.02 -22.46
N ILE B 543 -13.95 -17.72 -22.15
CA ILE B 543 -12.83 -17.12 -21.43
C ILE B 543 -12.62 -17.82 -20.10
N ALA B 544 -13.72 -18.14 -19.40
CA ALA B 544 -13.62 -18.79 -18.11
C ALA B 544 -13.02 -20.18 -18.24
N MET B 545 -13.45 -20.94 -19.24
CA MET B 545 -12.90 -22.27 -19.45
C MET B 545 -11.41 -22.19 -19.76
N PHE B 546 -11.03 -21.25 -20.61
CA PHE B 546 -9.62 -21.07 -20.96
C PHE B 546 -8.79 -20.73 -19.73
N THR B 547 -9.31 -19.81 -18.89
CA THR B 547 -8.57 -19.39 -17.71
C THR B 547 -8.48 -20.50 -16.67
N LEU B 548 -9.56 -21.27 -16.50
CA LEU B 548 -9.48 -22.42 -15.61
C LEU B 548 -8.44 -23.42 -16.07
N PHE B 549 -8.40 -23.71 -17.38
CA PHE B 549 -7.40 -24.67 -17.86
C PHE B 549 -5.99 -24.14 -17.63
N GLN B 550 -5.76 -22.87 -17.97
CA GLN B 550 -4.43 -22.30 -17.81
C GLN B 550 -4.02 -22.26 -16.34
N THR B 551 -4.94 -21.89 -15.45
CA THR B 551 -4.64 -21.85 -14.01
C THR B 551 -4.35 -23.24 -13.47
N THR B 552 -5.10 -24.24 -13.90
CA THR B 552 -4.81 -25.60 -13.46
C THR B 552 -3.42 -26.03 -13.91
N TYR B 553 -3.05 -25.71 -15.15
CA TYR B 553 -1.70 -26.04 -15.62
C TYR B 553 -0.64 -25.33 -14.79
N LEU B 554 -0.86 -24.03 -14.51
CA LEU B 554 0.12 -23.27 -13.74
C LEU B 554 0.28 -23.83 -12.34
N LEU B 555 -0.82 -24.18 -11.68
CA LEU B 555 -0.74 -24.73 -10.34
C LEU B 555 -0.10 -26.12 -10.35
N ILE B 556 -0.35 -26.90 -11.40
CA ILE B 556 0.31 -28.21 -11.50
C ILE B 556 1.82 -28.03 -11.60
N CYS B 557 2.27 -27.09 -12.46
CA CYS B 557 3.70 -26.85 -12.58
C CYS B 557 4.30 -26.33 -11.26
N PHE B 558 3.60 -25.41 -10.60
CA PHE B 558 4.12 -24.87 -9.35
C PHE B 558 4.22 -25.95 -8.28
N GLY B 559 3.22 -26.83 -8.20
CA GLY B 559 3.30 -27.94 -7.27
C GLY B 559 4.42 -28.91 -7.60
N LEU B 560 4.63 -29.16 -8.90
CA LEU B 560 5.74 -30.01 -9.30
C LEU B 560 7.07 -29.40 -8.89
N THR B 561 7.18 -28.07 -8.90
CA THR B 561 8.41 -27.43 -8.48
C THR B 561 8.81 -27.81 -7.05
N TRP B 562 7.84 -28.16 -6.20
CA TRP B 562 8.15 -28.52 -4.82
C TRP B 562 8.72 -29.92 -4.67
N ILE B 563 8.55 -30.79 -5.67
CA ILE B 563 9.07 -32.16 -5.55
C ILE B 563 10.60 -32.11 -5.52
N PRO B 564 11.27 -32.85 -4.63
CA PRO B 564 12.71 -32.59 -4.45
C PRO B 564 13.56 -33.02 -5.63
N ILE B 565 13.34 -34.22 -6.17
CA ILE B 565 14.11 -34.72 -7.30
C ILE B 565 13.34 -34.57 -8.61
N ALA B 566 12.10 -35.04 -8.64
CA ALA B 566 11.31 -34.96 -9.86
C ALA B 566 10.85 -33.55 -10.18
N GLY B 567 11.07 -32.59 -9.27
CA GLY B 567 10.67 -31.22 -9.52
C GLY B 567 11.54 -30.48 -10.51
N VAL B 568 12.58 -31.12 -11.04
CA VAL B 568 13.47 -30.51 -12.01
C VAL B 568 12.89 -30.65 -13.40
N MET B 569 11.67 -31.16 -13.50
CA MET B 569 11.05 -31.52 -14.77
C MET B 569 10.10 -30.46 -15.31
N PHE B 570 9.96 -29.32 -14.63
CA PHE B 570 8.96 -28.34 -15.07
C PHE B 570 9.23 -27.77 -16.46
N PRO B 571 10.47 -27.71 -16.96
CA PRO B 571 10.65 -27.31 -18.37
C PRO B 571 9.95 -28.23 -19.34
N LEU B 572 9.89 -29.53 -19.04
CA LEU B 572 9.16 -30.45 -19.91
C LEU B 572 7.68 -30.10 -19.97
N MET B 573 7.09 -29.79 -18.81
CA MET B 573 5.69 -29.39 -18.79
C MET B 573 5.48 -28.08 -19.54
N ILE B 574 6.40 -27.13 -19.40
CA ILE B 574 6.29 -25.88 -20.14
C ILE B 574 6.35 -26.13 -21.63
N MET B 575 7.26 -27.00 -22.08
CA MET B 575 7.40 -27.28 -23.50
C MET B 575 6.20 -28.05 -24.03
N PHE B 576 5.55 -28.86 -23.20
CA PHE B 576 4.39 -29.61 -23.66
C PHE B 576 3.24 -28.71 -24.08
N LEU B 577 3.26 -27.44 -23.67
CA LEU B 577 2.19 -26.52 -24.05
C LEU B 577 2.18 -26.23 -25.54
N ILE B 578 3.27 -26.49 -26.25
CA ILE B 578 3.32 -26.25 -27.70
C ILE B 578 2.45 -27.31 -28.39
N PRO B 579 2.76 -28.60 -28.27
CA PRO B 579 1.89 -29.61 -28.90
C PRO B 579 0.45 -29.58 -28.41
N VAL B 580 0.24 -29.30 -27.12
CA VAL B 580 -1.13 -29.24 -26.61
C VAL B 580 -1.90 -28.12 -27.30
N ARG B 581 -1.34 -26.92 -27.32
CA ARG B 581 -1.99 -25.80 -28.00
C ARG B 581 -2.18 -26.11 -29.48
N GLN B 582 -1.25 -26.86 -30.06
CA GLN B 582 -1.32 -27.13 -31.50
C GLN B 582 -2.46 -28.10 -31.83
N TYR B 583 -2.67 -29.12 -31.01
CA TYR B 583 -3.58 -30.21 -31.35
C TYR B 583 -4.79 -30.32 -30.44
N LEU B 584 -4.59 -30.35 -29.12
CA LEU B 584 -5.70 -30.66 -28.23
C LEU B 584 -6.68 -29.50 -28.10
N LEU B 585 -6.16 -28.27 -27.98
CA LEU B 585 -7.05 -27.13 -27.74
C LEU B 585 -8.05 -26.93 -28.86
N PRO B 586 -7.67 -26.96 -30.14
CA PRO B 586 -8.69 -26.79 -31.20
C PRO B 586 -9.86 -27.74 -31.08
N ARG B 587 -9.65 -28.93 -30.52
CA ARG B 587 -10.75 -29.87 -30.34
C ARG B 587 -11.82 -29.29 -29.41
N PHE B 588 -11.40 -28.61 -28.34
CA PHE B 588 -12.30 -28.13 -27.32
C PHE B 588 -12.68 -26.66 -27.48
N PHE B 589 -12.16 -25.98 -28.50
CA PHE B 589 -12.46 -24.57 -28.72
C PHE B 589 -12.61 -24.31 -30.21
N LYS B 590 -13.18 -23.16 -30.55
CA LYS B 590 -13.68 -22.87 -31.90
C LYS B 590 -12.93 -21.68 -32.50
N GLY B 591 -11.87 -21.96 -33.25
CA GLY B 591 -11.36 -21.02 -34.22
C GLY B 591 -11.10 -19.61 -33.69
N ALA B 592 -11.95 -18.67 -34.10
CA ALA B 592 -11.73 -17.27 -33.75
C ALA B 592 -11.62 -17.07 -32.25
N HIS B 593 -12.32 -17.88 -31.46
CA HIS B 593 -12.20 -17.78 -30.01
C HIS B 593 -10.75 -17.98 -29.58
N LEU B 594 -10.13 -19.09 -30.02
CA LEU B 594 -8.74 -19.34 -29.69
C LEU B 594 -7.82 -18.28 -30.29
N GLN B 595 -8.09 -17.89 -31.54
CA GLN B 595 -7.22 -16.93 -32.21
C GLN B 595 -7.18 -15.60 -31.46
N ASP B 596 -8.32 -15.13 -30.99
CA ASP B 596 -8.34 -13.88 -30.24
C ASP B 596 -7.80 -14.08 -28.83
N LEU B 597 -8.08 -15.23 -28.22
CA LEU B 597 -7.56 -15.49 -26.88
C LEU B 597 -6.06 -15.75 -26.87
N ASP B 598 -5.50 -16.22 -27.98
CA ASP B 598 -4.10 -16.60 -28.05
C ASP B 598 -3.44 -15.87 -29.21
N ALA B 599 -3.68 -14.56 -29.28
CA ALA B 599 -3.09 -13.72 -30.30
C ALA B 599 -1.62 -13.45 -29.99
N ALA B 600 -0.80 -13.44 -31.05
CA ALA B 600 0.62 -13.16 -30.87
C ALA B 600 0.90 -11.68 -30.67
N GLU B 601 -0.06 -10.82 -30.99
CA GLU B 601 0.08 -9.37 -30.85
C GLU B 601 -0.84 -8.88 -29.75
N TYR B 602 -0.31 -8.03 -28.88
CA TYR B 602 -1.08 -7.50 -27.75
C TYR B 602 -2.11 -6.51 -28.31
N GLU B 603 -3.38 -6.90 -28.26
CA GLU B 603 -4.48 -6.06 -28.74
C GLU B 603 -5.20 -5.43 -27.55
N GLU B 604 -5.48 -4.13 -27.66
CA GLU B 604 -6.19 -3.40 -26.64
C GLU B 604 -7.28 -2.56 -27.29
N ALA B 605 -8.34 -2.29 -26.52
CA ALA B 605 -9.47 -1.51 -27.00
C ALA B 605 -9.81 -0.40 -26.02
N PRO B 606 -10.37 0.72 -26.52
CA PRO B 606 -10.67 1.85 -25.65
C PRO B 606 -11.95 1.66 -24.83
#